data_8AGM
#
_entry.id   8AGM
#
_cell.length_a   95.985
_cell.length_b   47.416
_cell.length_c   142.814
_cell.angle_alpha   90.000
_cell.angle_beta   91.660
_cell.angle_gamma   90.000
#
_symmetry.space_group_name_H-M   'P 1 21 1'
#
loop_
_entity.id
_entity.type
_entity.pdbx_description
1 polymer 'Alpha/beta epoxide hydrolase'
2 non-polymer 'D-LIMONENE 1,2-EPOXIDE'
3 non-polymer 'CHLORIDE ION'
4 non-polymer 1,2-ETHANEDIOL
5 water water
#
_entity_poly.entity_id   1
_entity_poly.type   'polypeptide(L)'
_entity_poly.pdbx_seq_one_letter_code
;MNEMLKHEYVKVNGIKMHYVTQGKGKLLLLLHGFPDFWYVWRFQIPALAKHFRVVAPDLRGYNETDKPEGVENYRLDLLA
KDILGLIKALGEEHAVVVGHDWGGIISWTLTAFNPQAVEKLVILNAPHPKAYMTRTKNSLRQLQKSWYVFFFQVANIPEK
ILSRNEFAFLKNMLIQSFVRRDLLTEEDLRIYVDAWSKSGALTSALNYYRANLNPDIIFSEKTVVFPKIKVPTLVIWGEK
DVAISKDLIVNMEDFIEAPYSIKYFPECGHWVQLEEPELVRKHIEEFILKSDIHHHHHH
;
_entity_poly.pdbx_strand_id   AAA,BBB,CCC,DDD
#
loop_
_chem_comp.id
_chem_comp.type
_chem_comp.name
_chem_comp.formula
CL non-polymer 'CHLORIDE ION' 'Cl -1'
EDO non-polymer 1,2-ETHANEDIOL 'C2 H6 O2'
LEO non-polymer 'D-LIMONENE 1,2-EPOXIDE' 'C10 H16 O'
#
# COMPACT_ATOMS: atom_id res chain seq x y z
N MET A 4 38.84 -33.15 23.72
CA MET A 4 37.46 -32.66 23.77
C MET A 4 37.39 -31.11 23.58
N LEU A 5 36.29 -30.49 24.05
CA LEU A 5 36.08 -29.05 23.96
C LEU A 5 37.01 -28.35 24.93
N LYS A 6 37.87 -27.45 24.39
CA LYS A 6 38.85 -26.70 25.17
CA LYS A 6 38.83 -26.71 25.20
C LYS A 6 38.51 -25.22 25.21
N HIS A 7 38.68 -24.58 26.38
CA HIS A 7 38.47 -23.16 26.60
C HIS A 7 39.82 -22.48 26.50
N GLU A 8 39.91 -21.41 25.71
CA GLU A 8 41.15 -20.66 25.52
C GLU A 8 40.89 -19.16 25.54
N TYR A 9 41.97 -18.38 25.72
CA TYR A 9 41.95 -16.91 25.73
C TYR A 9 43.09 -16.43 24.86
N VAL A 10 42.85 -15.37 24.07
CA VAL A 10 43.85 -14.82 23.16
C VAL A 10 43.65 -13.30 23.01
N LYS A 11 44.77 -12.57 22.82
CA LYS A 11 44.81 -11.13 22.65
C LYS A 11 44.61 -10.79 21.18
N VAL A 12 43.60 -9.94 20.90
CA VAL A 12 43.21 -9.44 19.57
C VAL A 12 42.91 -7.95 19.72
N ASN A 13 43.66 -7.11 18.96
N ASN A 13 43.49 -7.07 18.87
CA ASN A 13 43.67 -5.65 18.96
CA ASN A 13 43.22 -5.62 18.82
C ASN A 13 44.18 -5.22 20.34
C ASN A 13 43.05 -4.94 20.23
N GLY A 14 43.28 -4.75 21.18
N GLY A 14 43.92 -5.30 21.17
CA GLY A 14 43.55 -4.33 22.55
CA GLY A 14 43.92 -4.74 22.52
C GLY A 14 42.63 -5.02 23.54
C GLY A 14 43.12 -5.51 23.57
N ILE A 15 42.04 -6.18 23.15
CA ILE A 15 41.15 -6.95 24.02
C ILE A 15 41.50 -8.41 24.07
N LYS A 16 41.25 -9.03 25.23
CA LYS A 16 41.44 -10.44 25.47
C LYS A 16 40.10 -11.10 25.15
N MET A 17 40.14 -12.07 24.25
CA MET A 17 38.97 -12.78 23.76
C MET A 17 38.97 -14.25 24.22
N HIS A 18 37.86 -14.70 24.83
CA HIS A 18 37.67 -16.09 25.23
C HIS A 18 36.96 -16.82 24.11
N TYR A 19 37.33 -18.08 23.92
CA TYR A 19 36.69 -18.96 22.94
C TYR A 19 36.78 -20.39 23.37
N VAL A 20 35.89 -21.21 22.82
CA VAL A 20 35.91 -22.65 22.98
C VAL A 20 36.32 -23.20 21.62
N THR A 21 37.07 -24.31 21.61
CA THR A 21 37.54 -24.91 20.37
C THR A 21 37.57 -26.43 20.45
N GLN A 22 37.25 -27.07 19.32
CA GLN A 22 37.21 -28.53 19.15
C GLN A 22 37.42 -28.81 17.67
N GLY A 23 38.19 -29.86 17.38
CA GLY A 23 38.50 -30.29 16.03
C GLY A 23 39.75 -29.69 15.43
N LYS A 24 40.13 -30.19 14.24
CA LYS A 24 41.30 -29.73 13.48
C LYS A 24 40.97 -29.66 11.98
N GLY A 25 41.72 -28.84 11.26
CA GLY A 25 41.53 -28.62 9.82
C GLY A 25 41.35 -27.15 9.50
N LYS A 26 40.43 -26.85 8.54
CA LYS A 26 40.11 -25.47 8.14
C LYS A 26 39.52 -24.74 9.34
N LEU A 27 39.92 -23.48 9.53
CA LEU A 27 39.39 -22.67 10.62
C LEU A 27 37.92 -22.33 10.34
N LEU A 28 37.03 -22.72 11.26
CA LEU A 28 35.60 -22.46 11.16
C LEU A 28 35.17 -21.66 12.39
N LEU A 29 34.79 -20.38 12.18
CA LEU A 29 34.33 -19.50 13.25
C LEU A 29 32.81 -19.52 13.36
N LEU A 30 32.31 -19.66 14.58
CA LEU A 30 30.88 -19.62 14.88
C LEU A 30 30.68 -18.41 15.79
N LEU A 31 29.93 -17.41 15.28
CA LEU A 31 29.69 -16.15 16.01
C LEU A 31 28.25 -15.98 16.45
N HIS A 32 28.05 -15.88 17.77
CA HIS A 32 26.77 -15.73 18.45
C HIS A 32 26.25 -14.28 18.36
N GLY A 33 25.07 -14.05 18.90
CA GLY A 33 24.45 -12.73 19.02
C GLY A 33 23.90 -12.49 20.40
N PHE A 34 22.86 -11.65 20.49
CA PHE A 34 22.17 -11.30 21.74
C PHE A 34 20.94 -12.19 22.01
N PRO A 35 20.73 -12.68 23.26
CA PRO A 35 21.55 -12.56 24.49
C PRO A 35 22.33 -13.84 24.70
N ASP A 36 23.17 -14.21 23.74
CA ASP A 36 23.88 -15.48 23.81
C ASP A 36 25.35 -15.33 24.13
N PHE A 37 26.12 -16.37 23.85
CA PHE A 37 27.57 -16.47 24.00
C PHE A 37 27.95 -17.74 23.26
N TRP A 38 29.21 -18.21 23.33
CA TRP A 38 29.62 -19.40 22.60
C TRP A 38 28.65 -20.58 22.75
N TYR A 39 28.00 -20.71 23.92
CA TYR A 39 27.12 -21.81 24.30
C TYR A 39 25.91 -21.99 23.39
N VAL A 40 25.52 -20.95 22.62
CA VAL A 40 24.42 -21.07 21.65
C VAL A 40 24.75 -22.10 20.55
N TRP A 41 26.06 -22.39 20.35
CA TRP A 41 26.58 -23.30 19.33
C TRP A 41 26.79 -24.74 19.83
N ARG A 42 26.31 -25.05 21.06
CA ARG A 42 26.46 -26.35 21.76
C ARG A 42 26.09 -27.57 20.89
N PHE A 43 25.04 -27.47 20.07
CA PHE A 43 24.60 -28.59 19.22
C PHE A 43 25.36 -28.72 17.91
N GLN A 44 26.14 -27.70 17.51
CA GLN A 44 26.91 -27.75 16.27
C GLN A 44 28.38 -28.00 16.46
N ILE A 45 28.96 -27.51 17.57
CA ILE A 45 30.41 -27.63 17.84
C ILE A 45 30.92 -29.09 17.70
N PRO A 46 30.43 -30.11 18.46
CA PRO A 46 31.00 -31.46 18.30
C PRO A 46 30.85 -32.09 16.91
N ALA A 47 29.71 -31.87 16.23
CA ALA A 47 29.46 -32.43 14.89
C ALA A 47 30.34 -31.80 13.80
N LEU A 48 30.52 -30.46 13.84
CA LEU A 48 31.35 -29.75 12.88
C LEU A 48 32.85 -29.94 13.11
N ALA A 49 33.23 -30.34 14.35
CA ALA A 49 34.62 -30.58 14.78
C ALA A 49 35.21 -31.79 14.05
N LYS A 50 34.33 -32.74 13.67
CA LYS A 50 34.62 -33.97 12.93
C LYS A 50 35.38 -33.72 11.62
N HIS A 51 35.22 -32.51 11.02
CA HIS A 51 35.88 -32.14 9.76
C HIS A 51 36.67 -30.82 9.81
N PHE A 52 36.39 -29.92 10.78
CA PHE A 52 37.05 -28.61 10.86
C PHE A 52 37.58 -28.24 12.25
N ARG A 53 38.42 -27.19 12.28
CA ARG A 53 38.99 -26.58 13.48
CA ARG A 53 38.98 -26.59 13.48
C ARG A 53 37.94 -25.55 13.93
N VAL A 54 36.92 -26.00 14.68
CA VAL A 54 35.81 -25.16 15.17
C VAL A 54 36.27 -24.22 16.28
N VAL A 55 35.98 -22.92 16.13
CA VAL A 55 36.29 -21.88 17.12
C VAL A 55 35.02 -21.05 17.33
N ALA A 56 34.48 -21.08 18.55
CA ALA A 56 33.29 -20.30 18.91
C ALA A 56 33.68 -19.29 20.00
N PRO A 57 33.92 -18.02 19.63
CA PRO A 57 34.32 -17.05 20.66
C PRO A 57 33.15 -16.33 21.34
N ASP A 58 33.45 -15.64 22.44
CA ASP A 58 32.52 -14.77 23.12
C ASP A 58 32.89 -13.42 22.53
N LEU A 59 31.90 -12.69 21.99
CA LEU A 59 32.18 -11.42 21.34
C LEU A 59 32.54 -10.40 22.37
N ARG A 60 33.15 -9.27 21.95
CA ARG A 60 33.48 -8.16 22.83
C ARG A 60 32.31 -7.84 23.76
N GLY A 61 32.59 -7.82 25.07
CA GLY A 61 31.62 -7.51 26.09
C GLY A 61 30.81 -8.67 26.64
N TYR A 62 30.97 -9.85 26.06
CA TYR A 62 30.19 -11.03 26.46
C TYR A 62 30.96 -12.01 27.29
N ASN A 63 30.24 -12.66 28.21
CA ASN A 63 30.69 -13.75 29.07
C ASN A 63 32.14 -13.59 29.59
N GLU A 64 33.09 -14.34 29.03
CA GLU A 64 34.48 -14.36 29.48
C GLU A 64 35.43 -13.45 28.73
N THR A 65 34.95 -12.78 27.67
CA THR A 65 35.75 -11.85 26.86
C THR A 65 35.79 -10.49 27.54
N ASP A 66 36.84 -9.70 27.26
CA ASP A 66 37.00 -8.34 27.78
C ASP A 66 35.79 -7.46 27.46
N LYS A 67 35.45 -6.57 28.40
CA LYS A 67 34.31 -5.69 28.32
C LYS A 67 34.73 -4.22 28.44
N PRO A 68 35.31 -3.61 27.41
CA PRO A 68 35.66 -2.18 27.52
C PRO A 68 34.43 -1.31 27.84
N GLU A 69 34.62 -0.24 28.61
CA GLU A 69 33.51 0.60 28.99
C GLU A 69 33.29 1.69 27.95
N GLY A 70 32.03 2.10 27.79
CA GLY A 70 31.65 3.12 26.82
C GLY A 70 31.03 2.57 25.57
N VAL A 71 29.91 3.20 25.15
CA VAL A 71 29.11 2.89 23.95
C VAL A 71 29.95 2.87 22.67
N GLU A 72 30.87 3.83 22.53
CA GLU A 72 31.74 3.98 21.36
C GLU A 72 32.65 2.77 21.12
N ASN A 73 32.90 1.95 22.16
CA ASN A 73 33.72 0.74 22.03
C ASN A 73 32.96 -0.46 21.46
N TYR A 74 31.69 -0.24 21.04
CA TYR A 74 30.82 -1.30 20.54
C TYR A 74 30.30 -1.02 19.15
N ARG A 75 30.96 -0.08 18.44
CA ARG A 75 30.65 0.25 17.06
CA ARG A 75 30.65 0.24 17.06
C ARG A 75 31.03 -0.96 16.20
N LEU A 76 30.22 -1.26 15.16
CA LEU A 76 30.43 -2.43 14.30
CA LEU A 76 30.41 -2.40 14.27
C LEU A 76 31.81 -2.54 13.69
N ASP A 77 32.43 -1.39 13.33
CA ASP A 77 33.78 -1.31 12.77
C ASP A 77 34.79 -2.00 13.71
N LEU A 78 34.72 -1.71 15.02
CA LEU A 78 35.60 -2.31 16.02
C LEU A 78 35.31 -3.80 16.25
N LEU A 79 34.02 -4.19 16.22
CA LEU A 79 33.62 -5.59 16.43
C LEU A 79 34.07 -6.51 15.30
N ALA A 80 34.05 -6.01 14.05
CA ALA A 80 34.48 -6.77 12.88
C ALA A 80 36.01 -6.90 12.96
N LYS A 81 36.70 -5.79 13.35
CA LYS A 81 38.16 -5.76 13.55
C LYS A 81 38.63 -6.78 14.60
N ASP A 82 37.77 -7.09 15.59
CA ASP A 82 38.06 -8.11 16.61
C ASP A 82 38.16 -9.48 15.97
N ILE A 83 37.23 -9.76 15.02
CA ILE A 83 37.16 -11.04 14.30
C ILE A 83 38.33 -11.17 13.33
N LEU A 84 38.66 -10.10 12.60
CA LEU A 84 39.80 -10.04 11.69
C LEU A 84 41.08 -10.34 12.51
N GLY A 85 41.19 -9.69 13.66
CA GLY A 85 42.28 -9.87 14.61
C GLY A 85 42.33 -11.28 15.19
N LEU A 86 41.15 -11.90 15.43
CA LEU A 86 41.05 -13.25 15.96
C LEU A 86 41.53 -14.28 14.94
N ILE A 87 41.27 -14.01 13.65
CA ILE A 87 41.68 -14.88 12.55
C ILE A 87 43.21 -14.95 12.54
N LYS A 88 43.87 -13.77 12.57
CA LYS A 88 45.32 -13.60 12.59
C LYS A 88 45.93 -14.26 13.84
N ALA A 89 45.38 -13.99 15.05
CA ALA A 89 45.85 -14.54 16.32
C ALA A 89 45.79 -16.07 16.39
N LEU A 90 44.90 -16.70 15.59
CA LEU A 90 44.78 -18.16 15.51
C LEU A 90 45.75 -18.77 14.46
N GLY A 91 46.63 -17.92 13.93
CA GLY A 91 47.64 -18.28 12.94
C GLY A 91 47.11 -18.62 11.56
N GLU A 92 46.00 -17.96 11.16
CA GLU A 92 45.39 -18.20 9.86
C GLU A 92 45.32 -16.92 9.03
N GLU A 93 45.11 -17.08 7.69
CA GLU A 93 44.96 -15.97 6.75
CA GLU A 93 44.96 -15.95 6.76
C GLU A 93 43.47 -15.69 6.54
N HIS A 94 42.67 -16.77 6.57
CA HIS A 94 41.23 -16.74 6.37
C HIS A 94 40.52 -17.78 7.23
N ALA A 95 39.18 -17.75 7.21
CA ALA A 95 38.33 -18.68 7.92
C ALA A 95 36.99 -18.77 7.24
N VAL A 96 36.26 -19.88 7.53
CA VAL A 96 34.88 -20.00 7.11
C VAL A 96 34.15 -19.29 8.27
N VAL A 97 33.35 -18.26 7.97
CA VAL A 97 32.67 -17.49 9.02
C VAL A 97 31.16 -17.77 9.02
N VAL A 98 30.66 -18.24 10.18
CA VAL A 98 29.24 -18.50 10.44
C VAL A 98 28.82 -17.51 11.53
N GLY A 99 27.81 -16.69 11.24
CA GLY A 99 27.33 -15.68 12.18
C GLY A 99 25.83 -15.65 12.34
N HIS A 100 25.38 -15.63 13.60
CA HIS A 100 23.97 -15.54 13.96
C HIS A 100 23.70 -14.22 14.64
N ASP A 101 22.59 -13.56 14.27
CA ASP A 101 22.17 -12.31 14.92
C ASP A 101 23.30 -11.24 14.81
N TRP A 102 23.77 -10.64 15.94
CA TRP A 102 24.87 -9.67 15.91
C TRP A 102 26.13 -10.29 15.29
N GLY A 103 26.34 -11.59 15.54
CA GLY A 103 27.43 -12.36 14.95
C GLY A 103 27.36 -12.35 13.43
N GLY A 104 26.13 -12.41 12.91
CA GLY A 104 25.86 -12.33 11.47
C GLY A 104 26.09 -10.93 10.92
N ILE A 105 25.65 -9.90 11.65
CA ILE A 105 25.86 -8.50 11.25
C ILE A 105 27.38 -8.23 11.17
N ILE A 106 28.15 -8.73 12.17
CA ILE A 106 29.61 -8.61 12.20
C ILE A 106 30.21 -9.35 10.99
N SER A 107 29.69 -10.57 10.69
CA SER A 107 30.15 -11.41 9.58
C SER A 107 29.93 -10.73 8.23
N TRP A 108 28.74 -10.12 7.99
CA TRP A 108 28.45 -9.40 6.76
C TRP A 108 29.49 -8.28 6.58
N THR A 109 29.77 -7.52 7.68
CA THR A 109 30.71 -6.38 7.71
C THR A 109 32.15 -6.82 7.40
N LEU A 110 32.61 -7.90 8.07
CA LEU A 110 33.94 -8.46 7.90
C LEU A 110 34.13 -8.92 6.44
N THR A 111 33.14 -9.65 5.91
CA THR A 111 33.16 -10.16 4.54
C THR A 111 33.15 -9.01 3.50
N ALA A 112 32.39 -7.93 3.73
CA ALA A 112 32.32 -6.84 2.77
C ALA A 112 33.58 -5.97 2.71
N PHE A 113 34.15 -5.64 3.87
CA PHE A 113 35.33 -4.78 3.96
C PHE A 113 36.67 -5.53 3.92
N ASN A 114 36.67 -6.87 4.19
CA ASN A 114 37.88 -7.71 4.16
C ASN A 114 37.59 -9.07 3.51
N PRO A 115 37.23 -9.15 2.19
CA PRO A 115 36.92 -10.46 1.58
C PRO A 115 38.03 -11.50 1.62
N GLN A 116 39.29 -11.02 1.63
CA GLN A 116 40.47 -11.89 1.65
C GLN A 116 40.56 -12.75 2.93
N ALA A 117 39.97 -12.26 4.05
CA ALA A 117 39.95 -12.92 5.35
C ALA A 117 38.81 -13.93 5.53
N VAL A 118 37.90 -14.05 4.53
CA VAL A 118 36.74 -14.95 4.63
C VAL A 118 36.70 -15.89 3.44
N GLU A 119 36.83 -17.20 3.70
CA GLU A 119 36.80 -18.23 2.66
C GLU A 119 35.36 -18.40 2.12
N LYS A 120 34.40 -18.65 3.01
CA LYS A 120 32.97 -18.74 2.74
C LYS A 120 32.21 -18.06 3.89
N LEU A 121 30.97 -17.64 3.62
CA LEU A 121 30.12 -16.97 4.60
C LEU A 121 28.86 -17.77 4.83
N VAL A 122 28.47 -17.90 6.11
CA VAL A 122 27.20 -18.51 6.50
C VAL A 122 26.50 -17.52 7.44
N ILE A 123 25.28 -17.10 7.06
CA ILE A 123 24.47 -16.16 7.85
C ILE A 123 23.23 -16.86 8.37
N LEU A 124 22.95 -16.76 9.69
CA LEU A 124 21.74 -17.29 10.32
C LEU A 124 20.97 -16.13 10.92
N ASN A 125 19.74 -15.88 10.42
CA ASN A 125 18.83 -14.82 10.90
C ASN A 125 19.56 -13.56 11.35
N ALA A 126 20.25 -12.92 10.40
CA ALA A 126 20.97 -11.68 10.63
C ALA A 126 20.78 -10.87 9.36
N PRO A 127 20.09 -9.73 9.46
CA PRO A 127 19.86 -8.95 8.23
C PRO A 127 21.16 -8.28 7.78
N HIS A 128 21.29 -8.11 6.46
CA HIS A 128 22.42 -7.40 5.87
C HIS A 128 22.40 -5.97 6.42
N PRO A 129 23.53 -5.41 6.88
CA PRO A 129 23.51 -4.04 7.43
C PRO A 129 22.90 -2.98 6.52
N LYS A 130 23.11 -3.06 5.19
CA LYS A 130 22.52 -2.08 4.30
C LYS A 130 21.01 -2.27 4.22
N ALA A 131 20.54 -3.54 4.23
CA ALA A 131 19.11 -3.84 4.24
C ALA A 131 18.44 -3.23 5.49
N TYR A 132 18.99 -3.44 6.72
CA TYR A 132 18.35 -2.87 7.91
CA TYR A 132 18.42 -2.86 7.96
C TYR A 132 18.46 -1.33 7.97
N MET A 133 19.59 -0.74 7.58
CA MET A 133 19.77 0.73 7.60
C MET A 133 18.82 1.46 6.64
N THR A 134 18.59 0.85 5.48
CA THR A 134 17.73 1.43 4.45
C THR A 134 16.24 1.17 4.71
N ARG A 135 15.88 -0.09 5.00
CA ARG A 135 14.50 -0.55 5.08
C ARG A 135 13.74 -0.38 6.41
N THR A 136 14.43 -0.37 7.58
CA THR A 136 13.74 -0.29 8.89
C THR A 136 12.83 0.93 9.00
N LYS A 137 13.36 2.14 8.75
CA LYS A 137 12.58 3.39 8.81
C LYS A 137 11.33 3.40 7.90
N ASN A 138 11.32 2.54 6.87
CA ASN A 138 10.25 2.38 5.89
C ASN A 138 9.34 1.18 6.15
N SER A 139 9.63 0.44 7.24
CA SER A 139 8.82 -0.72 7.58
C SER A 139 8.20 -0.57 8.97
N LEU A 140 6.88 -0.30 9.02
CA LEU A 140 6.15 -0.18 10.28
C LEU A 140 6.28 -1.47 11.06
N ARG A 141 6.10 -2.61 10.37
CA ARG A 141 6.22 -3.95 10.95
C ARG A 141 7.60 -4.16 11.59
N GLN A 142 8.69 -3.66 10.94
CA GLN A 142 10.03 -3.81 11.49
C GLN A 142 10.25 -2.91 12.68
N LEU A 143 9.77 -1.63 12.58
CA LEU A 143 9.89 -0.65 13.67
C LEU A 143 9.16 -1.19 14.91
N GLN A 144 8.00 -1.85 14.69
CA GLN A 144 7.23 -2.46 15.77
C GLN A 144 8.00 -3.64 16.40
N LYS A 145 8.56 -4.54 15.58
CA LYS A 145 9.37 -5.68 16.04
C LYS A 145 10.59 -5.21 16.82
N SER A 146 11.11 -4.04 16.45
CA SER A 146 12.29 -3.41 17.05
C SER A 146 11.96 -2.46 18.19
N TRP A 147 10.79 -2.64 18.86
CA TRP A 147 10.44 -1.80 20.02
C TRP A 147 11.54 -1.78 21.08
N TYR A 148 12.14 -2.96 21.32
CA TYR A 148 13.16 -3.18 22.35
C TYR A 148 14.49 -2.51 22.00
N VAL A 149 14.76 -2.30 20.70
CA VAL A 149 15.96 -1.59 20.23
C VAL A 149 15.90 -0.15 20.76
N PHE A 150 14.70 0.46 20.70
CA PHE A 150 14.43 1.80 21.22
C PHE A 150 14.48 1.78 22.75
N PHE A 151 13.90 0.74 23.37
CA PHE A 151 13.94 0.58 24.82
C PHE A 151 15.40 0.55 25.33
N PHE A 152 16.27 -0.23 24.65
CA PHE A 152 17.69 -0.39 25.01
C PHE A 152 18.53 0.90 24.92
N GLN A 153 18.03 1.96 24.26
CA GLN A 153 18.73 3.25 24.12
C GLN A 153 18.91 3.98 25.43
N VAL A 154 17.95 3.82 26.33
CA VAL A 154 17.90 4.45 27.65
C VAL A 154 19.00 3.89 28.55
N ALA A 155 19.68 4.77 29.31
CA ALA A 155 20.76 4.35 30.22
C ALA A 155 20.22 3.76 31.50
N ASN A 156 20.86 2.69 31.98
CA ASN A 156 20.67 1.98 33.25
C ASN A 156 19.33 1.28 33.48
N ILE A 157 18.20 1.91 33.08
CA ILE A 157 16.86 1.37 33.27
C ILE A 157 16.71 0.00 32.56
N PRO A 158 17.11 -0.18 31.26
CA PRO A 158 16.97 -1.52 30.66
C PRO A 158 17.80 -2.58 31.39
N GLU A 159 19.03 -2.23 31.82
CA GLU A 159 19.90 -3.15 32.59
C GLU A 159 19.17 -3.63 33.84
N LYS A 160 18.60 -2.67 34.61
CA LYS A 160 17.83 -2.94 35.82
C LYS A 160 16.60 -3.83 35.54
N ILE A 161 15.78 -3.48 34.54
CA ILE A 161 14.57 -4.27 34.18
C ILE A 161 14.93 -5.68 33.72
N LEU A 162 15.96 -5.81 32.88
CA LEU A 162 16.38 -7.09 32.31
C LEU A 162 17.00 -8.03 33.32
N SER A 163 17.83 -7.52 34.26
CA SER A 163 18.55 -8.32 35.26
C SER A 163 17.77 -8.67 36.54
N ARG A 164 16.88 -7.78 37.02
CA ARG A 164 16.13 -8.02 38.26
C ARG A 164 15.37 -9.36 38.27
N ASN A 165 15.14 -9.92 39.47
CA ASN A 165 14.47 -11.22 39.67
C ASN A 165 15.14 -12.33 38.87
N GLU A 166 16.49 -12.40 38.96
CA GLU A 166 17.32 -13.39 38.27
C GLU A 166 17.06 -13.43 36.74
N PHE A 167 17.05 -12.24 36.11
CA PHE A 167 16.86 -12.04 34.66
C PHE A 167 15.52 -12.60 34.15
N ALA A 168 14.45 -12.44 34.95
CA ALA A 168 13.13 -12.97 34.59
C ALA A 168 12.58 -12.38 33.27
N PHE A 169 12.76 -11.06 33.09
CA PHE A 169 12.33 -10.36 31.89
C PHE A 169 13.06 -10.92 30.66
N LEU A 170 14.38 -11.11 30.77
CA LEU A 170 15.23 -11.66 29.71
C LEU A 170 14.86 -13.09 29.38
N LYS A 171 14.67 -13.94 30.42
CA LYS A 171 14.25 -15.34 30.27
C LYS A 171 12.93 -15.42 29.49
N ASN A 172 11.94 -14.61 29.89
CA ASN A 172 10.62 -14.56 29.28
C ASN A 172 10.67 -14.12 27.82
N MET A 173 11.40 -13.02 27.53
CA MET A 173 11.54 -12.52 26.15
C MET A 173 12.25 -13.52 25.24
N LEU A 174 13.17 -14.32 25.81
CA LEU A 174 13.89 -15.37 25.11
C LEU A 174 12.94 -16.55 24.80
N ILE A 175 12.22 -17.06 25.84
CA ILE A 175 11.25 -18.17 25.73
C ILE A 175 10.13 -17.84 24.72
N GLN A 176 9.64 -16.59 24.70
CA GLN A 176 8.60 -16.08 23.79
C GLN A 176 9.05 -16.09 22.31
N SER A 177 10.38 -16.06 22.08
CA SER A 177 10.99 -16.01 20.75
C SER A 177 11.15 -17.39 20.11
N PHE A 178 11.03 -18.45 20.91
CA PHE A 178 11.17 -19.83 20.44
C PHE A 178 9.85 -20.37 19.89
N VAL A 179 9.94 -21.23 18.85
CA VAL A 179 8.73 -21.85 18.27
C VAL A 179 8.47 -23.22 18.92
N ARG A 180 9.32 -23.60 19.87
CA ARG A 180 9.24 -24.81 20.68
C ARG A 180 9.20 -24.30 22.13
N ARG A 181 8.11 -24.65 22.85
CA ARG A 181 7.80 -24.20 24.21
C ARG A 181 8.85 -24.53 25.29
N ASP A 182 9.38 -25.76 25.31
CA ASP A 182 10.34 -26.18 26.34
C ASP A 182 11.71 -26.52 25.76
N LEU A 183 12.29 -25.55 25.03
CA LEU A 183 13.59 -25.65 24.34
C LEU A 183 14.76 -25.63 25.35
N LEU A 184 14.81 -24.61 26.22
CA LEU A 184 15.87 -24.45 27.22
C LEU A 184 15.55 -25.21 28.50
N THR A 185 16.52 -26.00 29.01
CA THR A 185 16.38 -26.76 30.26
C THR A 185 16.67 -25.82 31.44
N GLU A 186 16.36 -26.24 32.69
CA GLU A 186 16.64 -25.45 33.90
C GLU A 186 18.15 -25.21 34.05
N GLU A 187 18.96 -26.21 33.65
CA GLU A 187 20.43 -26.15 33.67
C GLU A 187 20.87 -25.10 32.64
N ASP A 188 20.31 -25.15 31.39
CA ASP A 188 20.63 -24.21 30.32
C ASP A 188 20.43 -22.77 30.82
N LEU A 189 19.27 -22.51 31.43
CA LEU A 189 18.89 -21.22 31.96
C LEU A 189 19.84 -20.71 33.06
N ARG A 190 20.36 -21.61 33.90
CA ARG A 190 21.33 -21.22 34.91
C ARG A 190 22.69 -20.91 34.26
N ILE A 191 23.05 -21.65 33.19
CA ILE A 191 24.30 -21.42 32.41
C ILE A 191 24.21 -20.02 31.75
N TYR A 192 23.03 -19.67 31.14
CA TYR A 192 22.80 -18.36 30.51
C TYR A 192 22.87 -17.24 31.57
N VAL A 193 22.19 -17.42 32.76
CA VAL A 193 22.19 -16.44 33.86
C VAL A 193 23.63 -16.20 34.34
N ASP A 194 24.47 -17.26 34.41
CA ASP A 194 25.89 -17.12 34.78
C ASP A 194 26.62 -16.18 33.81
N ALA A 195 26.47 -16.41 32.50
CA ALA A 195 27.07 -15.60 31.44
C ALA A 195 26.52 -14.17 31.47
N TRP A 196 25.19 -14.00 31.68
CA TRP A 196 24.59 -12.66 31.74
C TRP A 196 25.06 -11.89 32.96
N SER A 197 25.27 -12.60 34.10
CA SER A 197 25.69 -12.01 35.38
C SER A 197 27.11 -11.50 35.44
N LYS A 198 27.97 -11.85 34.45
CA LYS A 198 29.38 -11.42 34.42
C LYS A 198 29.43 -9.92 34.51
N SER A 199 30.32 -9.39 35.37
CA SER A 199 30.42 -7.96 35.64
C SER A 199 30.56 -7.13 34.38
N GLY A 200 29.56 -6.29 34.11
CA GLY A 200 29.52 -5.41 32.94
C GLY A 200 29.03 -6.02 31.64
N ALA A 201 28.64 -7.31 31.66
CA ALA A 201 28.20 -8.03 30.46
C ALA A 201 26.91 -7.50 29.82
N LEU A 202 25.88 -7.25 30.65
CA LEU A 202 24.60 -6.75 30.18
C LEU A 202 24.71 -5.36 29.56
N THR A 203 25.42 -4.43 30.23
CA THR A 203 25.61 -3.08 29.70
C THR A 203 26.32 -3.13 28.35
N SER A 204 27.36 -3.98 28.24
CA SER A 204 28.18 -4.14 27.05
C SER A 204 27.34 -4.68 25.89
N ALA A 205 26.53 -5.74 26.15
CA ALA A 205 25.61 -6.34 25.20
C ALA A 205 24.60 -5.27 24.70
N LEU A 206 24.08 -4.43 25.61
CA LEU A 206 23.13 -3.37 25.25
C LEU A 206 23.79 -2.23 24.49
N ASN A 207 25.10 -2.02 24.70
CA ASN A 207 25.89 -1.01 23.98
C ASN A 207 25.96 -1.26 22.47
N TYR A 208 25.72 -2.51 22.01
CA TYR A 208 25.70 -2.84 20.56
C TYR A 208 24.54 -2.08 19.90
N TYR A 209 23.39 -2.00 20.60
CA TYR A 209 22.19 -1.32 20.13
C TYR A 209 22.35 0.20 20.22
N ARG A 210 22.99 0.69 21.29
CA ARG A 210 23.23 2.12 21.54
C ARG A 210 24.20 2.68 20.52
N ALA A 211 25.22 1.90 20.15
CA ALA A 211 26.25 2.31 19.20
C ALA A 211 25.84 2.18 17.76
N ASN A 212 25.14 1.09 17.39
CA ASN A 212 24.82 0.82 16.00
C ASN A 212 23.37 0.91 15.58
N LEU A 213 22.44 1.02 16.52
CA LEU A 213 21.02 1.03 16.17
C LEU A 213 20.26 2.13 16.88
N ASN A 214 20.97 3.23 17.23
CA ASN A 214 20.34 4.38 17.86
C ASN A 214 19.38 5.06 16.85
N PRO A 215 18.45 5.97 17.29
CA PRO A 215 17.50 6.58 16.34
C PRO A 215 18.14 7.40 15.22
N ASP A 216 19.32 8.02 15.48
CA ASP A 216 20.06 8.80 14.47
C ASP A 216 20.44 7.93 13.27
N ILE A 217 20.91 6.70 13.55
CA ILE A 217 21.30 5.72 12.53
C ILE A 217 20.03 5.19 11.82
N ILE A 218 19.02 4.73 12.58
CA ILE A 218 17.79 4.20 12.00
C ILE A 218 17.11 5.21 11.06
N PHE A 219 16.99 6.46 11.51
CA PHE A 219 16.29 7.47 10.73
C PHE A 219 17.25 8.41 9.96
N SER A 220 18.50 7.97 9.72
CA SER A 220 19.47 8.74 8.92
C SER A 220 18.97 8.96 7.50
N GLU A 221 19.14 10.16 6.97
CA GLU A 221 18.73 10.46 5.59
C GLU A 221 19.84 10.06 4.61
N LYS A 222 21.07 9.91 5.14
CA LYS A 222 22.25 9.56 4.34
CA LYS A 222 22.24 9.55 4.34
C LYS A 222 22.26 8.08 3.99
N THR A 223 22.64 7.78 2.75
CA THR A 223 22.75 6.44 2.21
C THR A 223 24.05 5.76 2.74
N VAL A 224 24.02 4.44 2.84
CA VAL A 224 25.13 3.67 3.39
C VAL A 224 26.12 3.21 2.33
N VAL A 225 27.42 3.40 2.61
CA VAL A 225 28.54 2.95 1.79
C VAL A 225 28.87 1.52 2.26
N PHE A 226 28.49 0.50 1.46
CA PHE A 226 28.71 -0.88 1.85
C PHE A 226 29.08 -1.74 0.63
N PRO A 227 30.34 -2.26 0.56
CA PRO A 227 30.74 -3.07 -0.61
C PRO A 227 29.94 -4.35 -0.77
N LYS A 228 29.78 -4.82 -2.03
CA LYS A 228 29.07 -6.08 -2.31
C LYS A 228 29.87 -7.26 -1.76
N ILE A 229 29.18 -8.36 -1.41
CA ILE A 229 29.79 -9.60 -0.91
C ILE A 229 30.38 -10.36 -2.11
N LYS A 230 31.72 -10.51 -2.12
CA LYS A 230 32.48 -11.14 -3.20
C LYS A 230 33.05 -12.50 -2.72
N VAL A 231 32.25 -13.24 -1.94
CA VAL A 231 32.61 -14.53 -1.35
C VAL A 231 31.39 -15.47 -1.37
N PRO A 232 31.54 -16.80 -1.64
CA PRO A 232 30.38 -17.70 -1.61
C PRO A 232 29.61 -17.56 -0.30
N THR A 233 28.29 -17.27 -0.39
CA THR A 233 27.40 -16.99 0.76
C THR A 233 26.21 -17.95 0.87
N LEU A 234 25.98 -18.43 2.09
CA LEU A 234 24.83 -19.27 2.44
C LEU A 234 24.04 -18.54 3.50
N VAL A 235 22.73 -18.39 3.29
CA VAL A 235 21.87 -17.75 4.28
C VAL A 235 20.84 -18.78 4.74
N ILE A 236 20.78 -19.01 6.08
CA ILE A 236 19.82 -19.91 6.73
C ILE A 236 18.85 -18.99 7.43
N TRP A 237 17.53 -19.19 7.19
CA TRP A 237 16.55 -18.27 7.77
C TRP A 237 15.30 -18.92 8.33
N GLY A 238 15.08 -18.73 9.64
CA GLY A 238 13.89 -19.18 10.34
C GLY A 238 12.83 -18.12 10.12
N GLU A 239 11.80 -18.43 9.32
CA GLU A 239 10.75 -17.51 8.89
C GLU A 239 9.87 -16.93 10.00
N LYS A 240 9.71 -17.65 11.12
CA LYS A 240 8.89 -17.20 12.25
C LYS A 240 9.71 -16.31 13.24
N ASP A 241 10.62 -15.49 12.70
CA ASP A 241 11.47 -14.58 13.47
C ASP A 241 10.66 -13.42 14.02
N VAL A 242 10.65 -13.29 15.35
CA VAL A 242 9.93 -12.26 16.11
C VAL A 242 10.64 -10.91 16.12
N ALA A 243 11.94 -10.91 15.84
CA ALA A 243 12.76 -9.70 15.84
C ALA A 243 12.95 -9.10 14.45
N ILE A 244 12.91 -9.95 13.40
CA ILE A 244 13.17 -9.52 12.01
C ILE A 244 12.02 -9.81 11.03
N SER A 245 11.57 -8.76 10.35
CA SER A 245 10.55 -8.83 9.31
C SER A 245 11.16 -9.38 8.03
N LYS A 246 10.37 -10.14 7.25
CA LYS A 246 10.77 -10.70 5.95
C LYS A 246 11.16 -9.60 4.94
N ASP A 247 10.61 -8.38 5.11
CA ASP A 247 10.89 -7.18 4.32
C ASP A 247 12.38 -6.84 4.26
N LEU A 248 13.13 -7.22 5.30
CA LEU A 248 14.55 -6.93 5.41
C LEU A 248 15.44 -7.99 4.78
N ILE A 249 14.87 -9.17 4.48
CA ILE A 249 15.59 -10.35 3.97
C ILE A 249 15.38 -10.57 2.46
N VAL A 250 14.31 -9.99 1.88
CA VAL A 250 14.01 -10.14 0.45
C VAL A 250 14.98 -9.30 -0.41
N ASN A 251 15.35 -9.81 -1.61
CA ASN A 251 16.30 -9.19 -2.55
C ASN A 251 17.73 -9.07 -1.98
N MET A 252 18.25 -10.17 -1.39
CA MET A 252 19.61 -10.17 -0.85
CA MET A 252 19.62 -10.22 -0.86
C MET A 252 20.65 -10.27 -1.97
N GLU A 253 20.23 -10.77 -3.17
CA GLU A 253 21.08 -10.86 -4.35
CA GLU A 253 21.08 -10.87 -4.36
C GLU A 253 21.65 -9.51 -4.77
N ASP A 254 20.89 -8.40 -4.57
CA ASP A 254 21.38 -7.06 -4.93
C ASP A 254 22.55 -6.61 -4.02
N PHE A 255 22.89 -7.44 -3.00
CA PHE A 255 24.02 -7.21 -2.10
C PHE A 255 25.18 -8.18 -2.37
N ILE A 256 24.90 -9.33 -3.00
CA ILE A 256 25.89 -10.37 -3.27
C ILE A 256 26.25 -10.50 -4.77
N GLU A 257 27.52 -10.20 -5.12
CA GLU A 257 28.12 -10.36 -6.46
C GLU A 257 29.06 -11.58 -6.41
N ALA A 258 28.50 -12.76 -6.05
CA ALA A 258 29.19 -14.04 -5.86
C ALA A 258 28.13 -15.18 -5.71
N PRO A 259 28.50 -16.49 -5.76
CA PRO A 259 27.47 -17.54 -5.55
C PRO A 259 26.73 -17.37 -4.21
N TYR A 260 25.40 -17.40 -4.26
CA TYR A 260 24.53 -17.20 -3.11
C TYR A 260 23.37 -18.19 -3.10
N SER A 261 23.06 -18.73 -1.92
CA SER A 261 21.93 -19.66 -1.71
C SER A 261 21.24 -19.36 -0.39
N ILE A 262 19.91 -19.40 -0.37
CA ILE A 262 19.12 -19.15 0.83
C ILE A 262 18.23 -20.34 1.15
N LYS A 263 18.38 -20.89 2.37
CA LYS A 263 17.61 -22.02 2.88
C LYS A 263 16.60 -21.49 3.90
N TYR A 264 15.31 -21.52 3.55
CA TYR A 264 14.22 -21.08 4.40
C TYR A 264 13.75 -22.20 5.31
N PHE A 265 13.52 -21.88 6.61
CA PHE A 265 13.02 -22.79 7.63
C PHE A 265 11.66 -22.21 8.10
N PRO A 266 10.56 -22.53 7.36
CA PRO A 266 9.26 -21.90 7.67
C PRO A 266 8.67 -22.16 9.04
N GLU A 267 9.07 -23.27 9.69
CA GLU A 267 8.55 -23.66 11.00
C GLU A 267 9.52 -23.35 12.15
N CYS A 268 10.59 -22.58 11.84
CA CYS A 268 11.60 -22.14 12.79
C CYS A 268 11.53 -20.63 12.97
N GLY A 269 12.07 -20.16 14.09
CA GLY A 269 12.14 -18.76 14.46
C GLY A 269 13.56 -18.25 14.39
N HIS A 270 13.87 -17.26 15.24
CA HIS A 270 15.17 -16.61 15.31
C HIS A 270 16.32 -17.57 15.62
N TRP A 271 16.09 -18.53 16.55
CA TRP A 271 17.10 -19.51 16.96
C TRP A 271 17.01 -20.82 16.20
N VAL A 272 17.11 -20.72 14.86
CA VAL A 272 17.06 -21.85 13.92
C VAL A 272 18.11 -22.94 14.26
N GLN A 273 19.32 -22.55 14.73
CA GLN A 273 20.39 -23.50 15.10
C GLN A 273 20.04 -24.31 16.36
N LEU A 274 19.10 -23.80 17.18
CA LEU A 274 18.64 -24.48 18.38
C LEU A 274 17.37 -25.32 18.09
N GLU A 275 16.56 -24.88 17.12
CA GLU A 275 15.28 -25.52 16.80
C GLU A 275 15.43 -26.70 15.84
N GLU A 276 16.34 -26.59 14.85
CA GLU A 276 16.64 -27.68 13.91
C GLU A 276 18.17 -27.82 13.88
N PRO A 277 18.80 -28.25 15.01
CA PRO A 277 20.27 -28.30 15.05
C PRO A 277 20.96 -29.18 14.01
N GLU A 278 20.37 -30.36 13.69
CA GLU A 278 20.92 -31.32 12.72
CA GLU A 278 20.96 -31.30 12.72
C GLU A 278 20.86 -30.79 11.28
N LEU A 279 19.70 -30.25 10.87
CA LEU A 279 19.48 -29.72 9.53
C LEU A 279 20.41 -28.53 9.26
N VAL A 280 20.57 -27.65 10.26
CA VAL A 280 21.45 -26.47 10.22
C VAL A 280 22.90 -26.93 10.05
N ARG A 281 23.33 -27.88 10.89
CA ARG A 281 24.69 -28.44 10.85
C ARG A 281 24.95 -29.06 9.48
N LYS A 282 23.98 -29.83 8.94
CA LYS A 282 24.08 -30.48 7.63
C LYS A 282 24.22 -29.47 6.51
N HIS A 283 23.38 -28.41 6.49
CA HIS A 283 23.44 -27.35 5.48
C HIS A 283 24.78 -26.62 5.49
N ILE A 284 25.35 -26.39 6.69
CA ILE A 284 26.66 -25.73 6.86
C ILE A 284 27.77 -26.64 6.33
N GLU A 285 27.78 -27.92 6.76
CA GLU A 285 28.77 -28.95 6.38
C GLU A 285 28.81 -29.15 4.84
N GLU A 286 27.62 -29.33 4.22
CA GLU A 286 27.44 -29.51 2.76
C GLU A 286 27.94 -28.31 1.98
N PHE A 287 27.70 -27.07 2.49
CA PHE A 287 28.14 -25.83 1.84
C PHE A 287 29.67 -25.70 1.84
N ILE A 288 30.36 -26.04 2.96
CA ILE A 288 31.83 -25.93 3.02
C ILE A 288 32.53 -27.04 2.22
N LEU A 289 32.14 -28.31 2.45
CA LEU A 289 32.74 -29.49 1.81
C LEU A 289 32.39 -29.65 0.29
N LYS A 290 31.63 -28.69 -0.30
CA LYS A 290 31.29 -28.70 -1.73
C LYS A 290 31.49 -27.31 -2.34
N GLU B 3 -24.76 31.46 16.68
CA GLU B 3 -23.53 31.00 17.35
C GLU B 3 -22.29 31.05 16.45
N MET B 4 -21.15 31.47 17.02
CA MET B 4 -19.85 31.51 16.34
C MET B 4 -18.76 30.96 17.26
N LEU B 5 -17.74 30.32 16.67
CA LEU B 5 -16.62 29.75 17.40
C LEU B 5 -15.73 30.87 17.90
N LYS B 6 -15.53 30.96 19.22
CA LYS B 6 -14.70 31.98 19.85
C LYS B 6 -13.45 31.39 20.49
N HIS B 7 -12.32 32.08 20.35
CA HIS B 7 -11.04 31.72 20.93
C HIS B 7 -10.88 32.51 22.22
N GLU B 8 -10.55 31.83 23.31
CA GLU B 8 -10.35 32.46 24.60
C GLU B 8 -9.10 31.92 25.29
N TYR B 9 -8.62 32.64 26.32
CA TYR B 9 -7.49 32.29 27.17
C TYR B 9 -7.91 32.50 28.62
N VAL B 10 -7.50 31.59 29.50
CA VAL B 10 -7.83 31.63 30.93
C VAL B 10 -6.69 31.03 31.73
N LYS B 11 -6.36 31.63 32.88
CA LYS B 11 -5.30 31.14 33.75
C LYS B 11 -5.85 30.06 34.67
N VAL B 12 -5.24 28.86 34.63
CA VAL B 12 -5.63 27.69 35.43
C VAL B 12 -4.38 27.13 36.08
N ASN B 13 -4.38 27.11 37.44
N ASN B 13 -4.37 26.94 37.42
CA ASN B 13 -3.28 26.78 38.34
CA ASN B 13 -3.22 26.36 38.16
C ASN B 13 -2.26 27.91 38.15
C ASN B 13 -1.84 26.92 37.71
N GLY B 14 -1.18 27.62 37.44
N GLY B 14 -1.77 28.23 37.51
CA GLY B 14 -0.13 28.56 37.10
CA GLY B 14 -0.56 28.95 37.08
C GLY B 14 0.15 28.63 35.61
C GLY B 14 -0.38 29.12 35.58
N ILE B 15 -0.80 28.12 34.77
CA ILE B 15 -0.65 28.13 33.31
C ILE B 15 -1.82 28.85 32.61
N LYS B 16 -1.50 29.59 31.55
CA LYS B 16 -2.52 30.24 30.72
C LYS B 16 -2.92 29.17 29.68
N MET B 17 -4.18 28.82 29.64
CA MET B 17 -4.69 27.81 28.74
C MET B 17 -5.60 28.44 27.67
N HIS B 18 -5.36 28.09 26.39
CA HIS B 18 -6.15 28.55 25.28
C HIS B 18 -7.23 27.52 24.99
N TYR B 19 -8.41 28.01 24.59
CA TYR B 19 -9.51 27.14 24.21
C TYR B 19 -10.39 27.81 23.20
N VAL B 20 -11.14 27.00 22.46
CA VAL B 20 -12.17 27.47 21.56
C VAL B 20 -13.50 27.07 22.22
N THR B 21 -14.54 27.90 22.03
CA THR B 21 -15.85 27.62 22.62
C THR B 21 -16.98 28.04 21.71
N GLN B 22 -18.08 27.28 21.78
CA GLN B 22 -19.32 27.56 21.05
C GLN B 22 -20.48 26.91 21.79
N GLY B 23 -21.63 27.60 21.82
CA GLY B 23 -22.86 27.09 22.44
C GLY B 23 -23.06 27.49 23.88
N LYS B 24 -24.25 27.13 24.43
CA LYS B 24 -24.63 27.37 25.83
C LYS B 24 -25.35 26.14 26.39
N GLY B 25 -25.34 26.02 27.72
CA GLY B 25 -25.95 24.90 28.43
C GLY B 25 -24.95 24.22 29.34
N LYS B 26 -25.06 22.89 29.48
CA LYS B 26 -24.14 22.09 30.30
C LYS B 26 -22.74 22.23 29.72
N LEU B 27 -21.73 22.41 30.59
CA LEU B 27 -20.34 22.49 30.16
C LEU B 27 -19.90 21.13 29.61
N LEU B 28 -19.45 21.13 28.34
CA LEU B 28 -18.98 19.93 27.67
C LEU B 28 -17.53 20.17 27.23
N LEU B 29 -16.58 19.45 27.87
CA LEU B 29 -15.15 19.55 27.54
C LEU B 29 -14.77 18.48 26.53
N LEU B 30 -14.02 18.88 25.49
CA LEU B 30 -13.47 17.98 24.47
C LEU B 30 -11.97 18.09 24.57
N LEU B 31 -11.32 17.00 24.95
CA LEU B 31 -9.86 16.96 25.17
C LEU B 31 -9.14 16.09 24.16
N HIS B 32 -8.25 16.74 23.42
CA HIS B 32 -7.43 16.15 22.36
C HIS B 32 -6.24 15.35 22.93
N GLY B 33 -5.49 14.72 22.03
CA GLY B 33 -4.27 14.00 22.36
C GLY B 33 -3.12 14.36 21.43
N PHE B 34 -2.20 13.42 21.26
CA PHE B 34 -1.02 13.60 20.41
C PHE B 34 -1.25 13.05 18.98
N PRO B 35 -0.85 13.78 17.92
CA PRO B 35 -0.20 15.09 17.86
C PRO B 35 -1.24 16.14 17.45
N ASP B 36 -2.30 16.27 18.25
CA ASP B 36 -3.41 17.15 17.91
C ASP B 36 -3.43 18.43 18.73
N PHE B 37 -4.59 19.08 18.76
CA PHE B 37 -4.91 20.29 19.50
C PHE B 37 -6.41 20.44 19.39
N TRP B 38 -7.00 21.55 19.84
CA TRP B 38 -8.46 21.72 19.77
C TRP B 38 -9.09 21.37 18.41
N TYR B 39 -8.34 21.62 17.33
CA TYR B 39 -8.77 21.46 15.94
C TYR B 39 -9.17 20.04 15.56
N VAL B 40 -8.72 19.02 16.32
CA VAL B 40 -9.13 17.62 16.05
C VAL B 40 -10.66 17.46 16.24
N TRP B 41 -11.29 18.39 17.01
CA TRP B 41 -12.72 18.36 17.33
C TRP B 41 -13.59 19.17 16.35
N ARG B 42 -12.99 19.66 15.22
CA ARG B 42 -13.64 20.48 14.18
C ARG B 42 -15.01 19.93 13.69
N PHE B 43 -15.15 18.61 13.54
CA PHE B 43 -16.41 18.01 13.07
C PHE B 43 -17.48 17.83 14.15
N GLN B 44 -17.11 17.95 15.44
CA GLN B 44 -18.05 17.78 16.54
C GLN B 44 -18.48 19.08 17.17
N ILE B 45 -17.59 20.08 17.25
CA ILE B 45 -17.87 21.36 17.90
C ILE B 45 -19.19 22.00 17.43
N PRO B 46 -19.42 22.32 16.12
CA PRO B 46 -20.70 22.99 15.76
C PRO B 46 -21.96 22.18 16.02
N ALA B 47 -21.93 20.84 15.82
CA ALA B 47 -23.10 19.99 16.05
C ALA B 47 -23.45 19.85 17.54
N LEU B 48 -22.42 19.73 18.40
CA LEU B 48 -22.58 19.61 19.86
C LEU B 48 -23.01 20.93 20.50
N ALA B 49 -22.53 22.07 19.96
CA ALA B 49 -22.85 23.43 20.39
C ALA B 49 -24.34 23.80 20.26
N LYS B 50 -25.10 22.96 19.58
CA LYS B 50 -26.54 23.13 19.39
C LYS B 50 -27.26 22.80 20.72
N HIS B 51 -26.59 22.02 21.58
CA HIS B 51 -27.14 21.58 22.87
C HIS B 51 -26.26 21.91 24.07
N PHE B 52 -24.96 22.14 23.85
CA PHE B 52 -24.08 22.29 25.00
C PHE B 52 -23.22 23.51 24.90
N ARG B 53 -22.62 23.90 26.04
CA ARG B 53 -21.60 24.92 26.10
C ARG B 53 -20.28 24.13 25.85
N VAL B 54 -19.92 23.98 24.57
CA VAL B 54 -18.74 23.23 24.12
C VAL B 54 -17.46 24.01 24.38
N VAL B 55 -16.48 23.37 25.04
CA VAL B 55 -15.17 23.95 25.31
C VAL B 55 -14.09 22.94 24.90
N ALA B 56 -13.26 23.29 23.89
CA ALA B 56 -12.17 22.42 23.42
C ALA B 56 -10.84 23.13 23.68
N PRO B 57 -10.13 22.78 24.78
CA PRO B 57 -8.87 23.47 25.06
C PRO B 57 -7.64 22.84 24.41
N ASP B 58 -6.53 23.57 24.41
CA ASP B 58 -5.22 23.06 24.02
C ASP B 58 -4.63 22.67 25.37
N LEU B 59 -4.18 21.44 25.49
CA LEU B 59 -3.63 20.96 26.72
C LEU B 59 -2.31 21.66 27.01
N ARG B 60 -1.81 21.50 28.24
CA ARG B 60 -0.52 22.00 28.67
C ARG B 60 0.56 21.58 27.67
N GLY B 61 1.29 22.58 27.17
CA GLY B 61 2.36 22.37 26.22
C GLY B 61 1.99 22.37 24.75
N TYR B 62 0.67 22.45 24.45
CA TYR B 62 0.19 22.39 23.06
C TYR B 62 -0.25 23.72 22.51
N ASN B 63 -0.02 23.89 21.20
CA ASN B 63 -0.44 25.02 20.38
C ASN B 63 -0.34 26.39 21.10
N GLU B 64 -1.47 26.97 21.52
CA GLU B 64 -1.54 28.30 22.12
C GLU B 64 -1.50 28.34 23.65
N THR B 65 -1.51 27.15 24.30
CA THR B 65 -1.45 27.02 25.76
C THR B 65 0.02 27.12 26.23
N ASP B 66 0.23 27.53 27.49
CA ASP B 66 1.57 27.65 28.11
C ASP B 66 2.32 26.34 28.11
N LYS B 67 3.64 26.43 27.96
CA LYS B 67 4.52 25.26 27.83
C LYS B 67 5.63 25.28 28.88
N PRO B 68 5.33 24.95 30.17
CA PRO B 68 6.42 24.91 31.16
C PRO B 68 7.54 23.92 30.78
N GLU B 69 8.78 24.26 31.17
CA GLU B 69 9.97 23.44 30.90
CA GLU B 69 10.00 23.47 30.91
C GLU B 69 10.12 22.33 31.92
N GLY B 70 10.62 21.19 31.46
CA GLY B 70 10.85 20.05 32.34
C GLY B 70 9.80 18.98 32.25
N VAL B 71 10.27 17.72 32.16
CA VAL B 71 9.48 16.48 32.07
C VAL B 71 8.48 16.37 33.24
N GLU B 72 8.90 16.75 34.47
CA GLU B 72 8.08 16.67 35.68
C GLU B 72 6.81 17.53 35.62
N ASN B 73 6.79 18.55 34.75
CA ASN B 73 5.62 19.41 34.58
C ASN B 73 4.53 18.79 33.70
N TYR B 74 4.71 17.53 33.28
CA TYR B 74 3.82 16.83 32.36
C TYR B 74 3.34 15.50 32.93
N ARG B 75 3.45 15.38 34.27
CA ARG B 75 2.95 14.23 35.03
C ARG B 75 1.43 14.29 34.96
N LEU B 76 0.77 13.12 34.81
CA LEU B 76 -0.69 13.02 34.70
C LEU B 76 -1.44 13.78 35.79
N ASP B 77 -0.91 13.74 37.04
CA ASP B 77 -1.51 14.42 38.19
C ASP B 77 -1.71 15.92 37.92
N LEU B 78 -0.67 16.59 37.38
CA LEU B 78 -0.73 18.03 37.06
C LEU B 78 -1.65 18.30 35.86
N LEU B 79 -1.65 17.38 34.87
CA LEU B 79 -2.49 17.51 33.68
C LEU B 79 -3.99 17.41 34.03
N ALA B 80 -4.35 16.51 34.99
CA ALA B 80 -5.73 16.35 35.47
C ALA B 80 -6.12 17.58 36.29
N LYS B 81 -5.16 18.15 37.05
CA LYS B 81 -5.37 19.37 37.84
C LYS B 81 -5.62 20.60 36.98
N ASP B 82 -5.06 20.64 35.74
CA ASP B 82 -5.30 21.74 34.79
C ASP B 82 -6.76 21.74 34.37
N ILE B 83 -7.33 20.54 34.15
CA ILE B 83 -8.70 20.35 33.69
C ILE B 83 -9.66 20.68 34.81
N LEU B 84 -9.36 20.20 36.03
CA LEU B 84 -10.14 20.51 37.24
C LEU B 84 -10.18 22.05 37.41
N GLY B 85 -9.01 22.67 37.28
CA GLY B 85 -8.85 24.13 37.33
C GLY B 85 -9.62 24.87 36.26
N LEU B 86 -9.67 24.28 35.03
CA LEU B 86 -10.41 24.81 33.88
C LEU B 86 -11.91 24.82 34.16
N ILE B 87 -12.46 23.71 34.71
CA ILE B 87 -13.89 23.60 35.06
C ILE B 87 -14.26 24.76 36.00
N LYS B 88 -13.45 24.97 37.07
CA LYS B 88 -13.65 26.03 38.06
C LYS B 88 -13.59 27.41 37.41
N ALA B 89 -12.52 27.68 36.61
CA ALA B 89 -12.31 28.96 35.93
C ALA B 89 -13.43 29.36 34.95
N LEU B 90 -14.17 28.37 34.44
CA LEU B 90 -15.31 28.55 33.54
C LEU B 90 -16.63 28.75 34.33
N GLY B 91 -16.51 28.89 35.65
CA GLY B 91 -17.62 29.11 36.59
C GLY B 91 -18.55 27.93 36.77
N GLU B 92 -18.01 26.70 36.68
CA GLU B 92 -18.81 25.49 36.83
C GLU B 92 -18.29 24.62 37.98
N GLU B 93 -19.13 23.67 38.44
CA GLU B 93 -18.80 22.74 39.53
C GLU B 93 -18.36 21.43 38.91
N HIS B 94 -18.99 21.09 37.79
CA HIS B 94 -18.72 19.87 37.03
C HIS B 94 -18.86 20.10 35.52
N ALA B 95 -18.52 19.08 34.73
CA ALA B 95 -18.59 19.10 33.28
C ALA B 95 -18.75 17.71 32.76
N VAL B 96 -19.29 17.61 31.52
CA VAL B 96 -19.27 16.33 30.82
C VAL B 96 -17.87 16.33 30.18
N VAL B 97 -17.09 15.29 30.44
CA VAL B 97 -15.70 15.25 29.93
C VAL B 97 -15.54 14.19 28.83
N VAL B 98 -15.12 14.65 27.65
CA VAL B 98 -14.83 13.78 26.48
C VAL B 98 -13.31 13.88 26.22
N GLY B 99 -12.65 12.74 26.22
CA GLY B 99 -11.22 12.72 26.02
C GLY B 99 -10.75 11.68 25.05
N HIS B 100 -9.89 12.11 24.11
CA HIS B 100 -9.29 11.23 23.10
C HIS B 100 -7.81 11.11 23.35
N ASP B 101 -7.27 9.88 23.27
CA ASP B 101 -5.82 9.65 23.39
C ASP B 101 -5.32 10.19 24.76
N TRP B 102 -4.31 11.10 24.80
CA TRP B 102 -3.84 11.68 26.06
C TRP B 102 -4.97 12.39 26.80
N GLY B 103 -5.87 13.02 26.03
CA GLY B 103 -7.06 13.68 26.57
C GLY B 103 -7.92 12.69 27.33
N GLY B 104 -8.01 11.45 26.83
CA GLY B 104 -8.72 10.35 27.45
C GLY B 104 -8.02 9.86 28.71
N ILE B 105 -6.67 9.71 28.66
CA ILE B 105 -5.91 9.29 29.85
C ILE B 105 -6.09 10.32 30.96
N ILE B 106 -6.03 11.63 30.62
CA ILE B 106 -6.25 12.73 31.57
C ILE B 106 -7.69 12.65 32.12
N SER B 107 -8.66 12.36 31.25
CA SER B 107 -10.08 12.23 31.62
C SER B 107 -10.32 11.09 32.61
N TRP B 108 -9.75 9.91 32.35
CA TRP B 108 -9.85 8.77 33.27
C TRP B 108 -9.30 9.18 34.68
N THR B 109 -8.15 9.89 34.70
CA THR B 109 -7.45 10.36 35.92
C THR B 109 -8.29 11.37 36.68
N LEU B 110 -8.83 12.38 35.97
CA LEU B 110 -9.70 13.40 36.55
C LEU B 110 -10.92 12.78 37.18
N THR B 111 -11.56 11.86 36.50
CA THR B 111 -12.77 11.22 36.97
C THR B 111 -12.51 10.28 38.15
N ALA B 112 -11.37 9.60 38.15
CA ALA B 112 -11.06 8.69 39.27
C ALA B 112 -10.71 9.42 40.56
N PHE B 113 -9.92 10.50 40.48
CA PHE B 113 -9.47 11.25 41.64
C PHE B 113 -10.40 12.41 42.02
N ASN B 114 -11.24 12.91 41.11
CA ASN B 114 -12.22 13.99 41.36
C ASN B 114 -13.57 13.66 40.78
N PRO B 115 -14.23 12.56 41.21
CA PRO B 115 -15.51 12.18 40.59
C PRO B 115 -16.58 13.26 40.64
N GLN B 116 -16.59 14.09 41.70
CA GLN B 116 -17.57 15.18 41.90
C GLN B 116 -17.53 16.26 40.80
N ALA B 117 -16.37 16.41 40.15
CA ALA B 117 -16.16 17.41 39.08
C ALA B 117 -16.58 16.90 37.70
N VAL B 118 -16.97 15.59 37.56
CA VAL B 118 -17.29 15.03 36.24
C VAL B 118 -18.70 14.45 36.27
N GLU B 119 -19.58 15.00 35.44
CA GLU B 119 -20.97 14.57 35.35
C GLU B 119 -21.08 13.22 34.64
N LYS B 120 -20.47 13.16 33.45
CA LYS B 120 -20.43 11.99 32.60
C LYS B 120 -19.05 11.90 31.96
N LEU B 121 -18.57 10.69 31.76
CA LEU B 121 -17.26 10.47 31.16
C LEU B 121 -17.37 9.82 29.78
N VAL B 122 -16.74 10.43 28.72
CA VAL B 122 -16.68 9.85 27.37
C VAL B 122 -15.20 9.64 27.01
N ILE B 123 -14.82 8.40 26.69
CA ILE B 123 -13.46 8.04 26.31
C ILE B 123 -13.42 7.58 24.85
N LEU B 124 -12.50 8.14 24.04
CA LEU B 124 -12.27 7.72 22.65
C LEU B 124 -10.83 7.23 22.55
N ASN B 125 -10.63 5.95 22.23
CA ASN B 125 -9.33 5.29 22.02
C ASN B 125 -8.24 5.81 22.96
N ALA B 126 -8.46 5.57 24.27
CA ALA B 126 -7.57 5.96 25.34
C ALA B 126 -7.69 4.85 26.38
N PRO B 127 -6.65 4.02 26.56
CA PRO B 127 -6.76 2.93 27.55
C PRO B 127 -6.75 3.48 28.98
N HIS B 128 -7.46 2.77 29.87
CA HIS B 128 -7.53 3.12 31.31
C HIS B 128 -6.10 3.08 31.85
N PRO B 129 -5.63 4.09 32.61
CA PRO B 129 -4.25 4.06 33.13
C PRO B 129 -3.87 2.79 33.89
N LYS B 130 -4.79 2.19 34.67
CA LYS B 130 -4.43 0.96 35.37
C LYS B 130 -4.35 -0.20 34.41
N ALA B 131 -5.22 -0.20 33.37
CA ALA B 131 -5.20 -1.22 32.33
C ALA B 131 -3.85 -1.21 31.61
N TYR B 132 -3.34 0.00 31.20
CA TYR B 132 -2.07 0.03 30.48
CA TYR B 132 -2.05 0.13 30.49
C TYR B 132 -0.88 -0.25 31.38
N MET B 133 -0.90 0.22 32.62
CA MET B 133 0.20 -0.01 33.57
CA MET B 133 0.19 -0.03 33.54
C MET B 133 0.34 -1.49 33.95
N THR B 134 -0.77 -2.20 34.03
CA THR B 134 -0.76 -3.61 34.39
C THR B 134 -0.49 -4.52 33.18
N ARG B 135 -1.19 -4.27 32.04
CA ARG B 135 -1.15 -5.18 30.91
C ARG B 135 -0.03 -4.98 29.87
N THR B 136 0.48 -3.74 29.63
CA THR B 136 1.48 -3.49 28.57
C THR B 136 2.69 -4.43 28.68
N LYS B 137 3.33 -4.49 29.85
CA LYS B 137 4.51 -5.34 30.09
C LYS B 137 4.26 -6.83 29.80
N ASN B 138 2.98 -7.25 29.80
CA ASN B 138 2.55 -8.63 29.56
C ASN B 138 1.97 -8.85 28.16
N SER B 139 1.98 -7.80 27.34
CA SER B 139 1.47 -7.89 25.97
C SER B 139 2.56 -7.56 24.95
N LEU B 140 3.08 -8.59 24.27
CA LEU B 140 4.12 -8.43 23.25
C LEU B 140 3.59 -7.52 22.15
N ARG B 141 2.34 -7.79 21.72
CA ARG B 141 1.67 -7.01 20.68
CA ARG B 141 1.70 -7.00 20.67
C ARG B 141 1.56 -5.53 21.07
N GLN B 142 1.29 -5.23 22.36
CA GLN B 142 1.20 -3.83 22.82
C GLN B 142 2.58 -3.18 22.86
N LEU B 143 3.59 -3.92 23.38
CA LEU B 143 4.98 -3.43 23.47
C LEU B 143 5.49 -3.10 22.06
N GLN B 144 5.15 -3.95 21.09
CA GLN B 144 5.49 -3.73 19.68
C GLN B 144 4.81 -2.46 19.12
N LYS B 145 3.49 -2.31 19.34
CA LYS B 145 2.72 -1.13 18.90
C LYS B 145 3.27 0.15 19.54
N SER B 146 3.80 0.02 20.76
CA SER B 146 4.37 1.13 21.53
C SER B 146 5.88 1.35 21.30
N TRP B 147 6.42 0.90 20.13
CA TRP B 147 7.83 1.11 19.81
C TRP B 147 8.23 2.60 19.92
N TYR B 148 7.34 3.49 19.47
CA TYR B 148 7.55 4.94 19.44
C TYR B 148 7.54 5.58 20.82
N VAL B 149 6.85 4.94 21.80
CA VAL B 149 6.81 5.40 23.20
C VAL B 149 8.25 5.30 23.74
N PHE B 150 8.94 4.19 23.39
CA PHE B 150 10.33 3.97 23.78
C PHE B 150 11.24 4.94 23.01
N PHE B 151 10.95 5.16 21.72
CA PHE B 151 11.70 6.09 20.89
C PHE B 151 11.65 7.50 21.51
N PHE B 152 10.44 7.96 21.92
CA PHE B 152 10.23 9.29 22.52
C PHE B 152 10.94 9.56 23.85
N GLN B 153 11.44 8.50 24.53
CA GLN B 153 12.18 8.62 25.80
C GLN B 153 13.49 9.36 25.68
N VAL B 154 14.15 9.20 24.53
CA VAL B 154 15.45 9.78 24.19
C VAL B 154 15.32 11.30 24.06
N ALA B 155 16.29 12.05 24.62
CA ALA B 155 16.29 13.50 24.57
C ALA B 155 16.73 14.01 23.21
N ASN B 156 16.07 15.10 22.73
CA ASN B 156 16.37 15.89 21.52
C ASN B 156 16.27 15.18 20.16
N ILE B 157 16.75 13.92 20.05
CA ILE B 157 16.74 13.14 18.81
C ILE B 157 15.30 12.97 18.27
N PRO B 158 14.28 12.53 19.07
CA PRO B 158 12.92 12.42 18.50
C PRO B 158 12.36 13.75 18.00
N GLU B 159 12.64 14.85 18.72
CA GLU B 159 12.21 16.20 18.31
C GLU B 159 12.76 16.54 16.93
N LYS B 160 14.06 16.28 16.75
CA LYS B 160 14.77 16.50 15.50
C LYS B 160 14.19 15.66 14.36
N ILE B 161 14.04 14.34 14.57
CA ILE B 161 13.50 13.43 13.55
C ILE B 161 12.06 13.77 13.17
N LEU B 162 11.21 14.10 14.15
CA LEU B 162 9.80 14.39 13.91
C LEU B 162 9.56 15.73 13.21
N SER B 163 10.33 16.78 13.56
CA SER B 163 10.16 18.12 13.00
C SER B 163 10.83 18.38 11.65
N ARG B 164 12.01 17.77 11.39
CA ARG B 164 12.75 17.99 10.13
C ARG B 164 11.90 17.77 8.88
N ASN B 165 12.24 18.48 7.78
CA ASN B 165 11.53 18.44 6.48
C ASN B 165 10.03 18.76 6.66
N GLU B 166 9.74 19.85 7.39
CA GLU B 166 8.39 20.34 7.66
C GLU B 166 7.48 19.25 8.28
N PHE B 167 8.02 18.53 9.30
CA PHE B 167 7.31 17.48 10.05
C PHE B 167 6.86 16.33 9.16
N ALA B 168 7.69 15.94 8.17
CA ALA B 168 7.35 14.86 7.21
C ALA B 168 7.14 13.53 7.91
N PHE B 169 8.01 13.22 8.91
CA PHE B 169 7.91 11.98 9.68
C PHE B 169 6.58 11.92 10.43
N LEU B 170 6.21 13.03 11.07
CA LEU B 170 4.96 13.17 11.81
C LEU B 170 3.74 13.07 10.89
N LYS B 171 3.76 13.77 9.72
CA LYS B 171 2.69 13.73 8.71
C LYS B 171 2.46 12.28 8.26
N ASN B 172 3.56 11.57 7.92
CA ASN B 172 3.51 10.18 7.45
C ASN B 172 2.96 9.22 8.52
N MET B 173 3.45 9.33 9.77
CA MET B 173 2.99 8.47 10.87
C MET B 173 1.52 8.70 11.17
N LEU B 174 1.05 9.94 10.98
CA LEU B 174 -0.35 10.33 11.15
C LEU B 174 -1.21 9.68 10.05
N ILE B 175 -0.84 9.90 8.75
CA ILE B 175 -1.52 9.37 7.56
C ILE B 175 -1.62 7.82 7.60
N GLN B 176 -0.54 7.15 8.05
CA GLN B 176 -0.47 5.68 8.18
C GLN B 176 -1.45 5.12 9.23
N SER B 177 -1.86 5.96 10.20
CA SER B 177 -2.75 5.59 11.29
C SER B 177 -4.23 5.64 10.92
N PHE B 178 -4.55 6.33 9.82
CA PHE B 178 -5.93 6.49 9.35
C PHE B 178 -6.42 5.33 8.50
N VAL B 179 -7.71 4.96 8.64
CA VAL B 179 -8.33 3.90 7.82
C VAL B 179 -9.13 4.57 6.69
N ARG B 180 -9.14 5.92 6.67
CA ARG B 180 -9.83 6.73 5.66
C ARG B 180 -8.83 7.42 4.79
N ARG B 181 -9.17 7.51 3.50
CA ARG B 181 -8.35 8.10 2.43
C ARG B 181 -8.41 9.63 2.52
N ASP B 182 -7.27 10.31 2.31
CA ASP B 182 -7.15 11.77 2.24
C ASP B 182 -8.01 12.52 3.30
N LEU B 183 -7.96 12.03 4.56
CA LEU B 183 -8.66 12.54 5.74
C LEU B 183 -8.24 13.96 6.10
N LEU B 184 -6.99 14.33 5.76
CA LEU B 184 -6.45 15.66 5.99
C LEU B 184 -6.21 16.37 4.68
N THR B 185 -6.86 17.51 4.49
CA THR B 185 -6.69 18.35 3.30
C THR B 185 -5.36 19.09 3.41
N GLU B 186 -4.92 19.78 2.34
CA GLU B 186 -3.66 20.54 2.39
C GLU B 186 -3.78 21.71 3.36
N GLU B 187 -5.01 22.28 3.49
CA GLU B 187 -5.31 23.37 4.42
C GLU B 187 -5.17 22.81 5.85
N ASP B 188 -5.74 21.61 6.11
CA ASP B 188 -5.68 20.93 7.41
C ASP B 188 -4.22 20.77 7.83
N LEU B 189 -3.38 20.23 6.92
CA LEU B 189 -1.97 19.99 7.15
C LEU B 189 -1.20 21.25 7.44
N ARG B 190 -1.60 22.35 6.79
CA ARG B 190 -0.98 23.67 7.00
C ARG B 190 -1.33 24.20 8.41
N ILE B 191 -2.59 23.93 8.88
CA ILE B 191 -3.10 24.30 10.22
C ILE B 191 -2.37 23.45 11.31
N TYR B 192 -2.22 22.12 11.08
CA TYR B 192 -1.48 21.22 11.99
C TYR B 192 -0.01 21.65 12.08
N VAL B 193 0.66 21.98 10.93
CA VAL B 193 2.08 22.40 10.91
C VAL B 193 2.26 23.70 11.70
N ASP B 194 1.28 24.61 11.64
CA ASP B 194 1.34 25.84 12.44
C ASP B 194 1.35 25.51 13.94
N ALA B 195 0.43 24.65 14.39
CA ALA B 195 0.31 24.22 15.79
C ALA B 195 1.56 23.46 16.24
N TRP B 196 2.10 22.58 15.38
CA TRP B 196 3.29 21.76 15.67
C TRP B 196 4.56 22.62 15.81
N SER B 197 4.59 23.71 15.06
CA SER B 197 5.74 24.62 14.99
C SER B 197 5.86 25.60 16.16
N LYS B 198 4.82 25.72 17.01
CA LYS B 198 4.86 26.62 18.15
C LYS B 198 6.06 26.31 19.01
N SER B 199 6.82 27.36 19.39
CA SER B 199 8.05 27.24 20.15
C SER B 199 7.88 26.40 21.42
N GLY B 200 8.59 25.27 21.48
CA GLY B 200 8.57 24.35 22.60
C GLY B 200 7.44 23.34 22.63
N ALA B 201 6.53 23.37 21.64
CA ALA B 201 5.35 22.49 21.55
C ALA B 201 5.68 21.01 21.42
N LEU B 202 6.64 20.67 20.54
CA LEU B 202 7.01 19.29 20.30
C LEU B 202 7.65 18.64 21.50
N THR B 203 8.60 19.34 22.15
CA THR B 203 9.26 18.82 23.35
C THR B 203 8.23 18.56 24.44
N SER B 204 7.32 19.52 24.65
CA SER B 204 6.26 19.47 25.67
C SER B 204 5.34 18.27 25.43
N ALA B 205 4.89 18.08 24.17
CA ALA B 205 4.06 16.96 23.74
C ALA B 205 4.77 15.63 24.03
N LEU B 206 6.09 15.55 23.72
CA LEU B 206 6.88 14.35 23.97
C LEU B 206 7.14 14.10 25.44
N ASN B 207 7.13 15.17 26.26
CA ASN B 207 7.29 15.07 27.72
C ASN B 207 6.18 14.28 28.40
N TYR B 208 5.00 14.15 27.74
CA TYR B 208 3.89 13.34 28.28
C TYR B 208 4.33 11.87 28.36
N TYR B 209 5.06 11.39 27.35
CA TYR B 209 5.57 10.02 27.26
C TYR B 209 6.73 9.80 28.24
N ARG B 210 7.61 10.82 28.37
CA ARG B 210 8.80 10.78 29.24
C ARG B 210 8.38 10.77 30.70
N ALA B 211 7.32 11.52 31.05
CA ALA B 211 6.83 11.62 32.42
C ALA B 211 5.94 10.47 32.83
N ASN B 212 5.09 9.97 31.92
CA ASN B 212 4.07 8.98 32.30
C ASN B 212 4.23 7.62 31.70
N LEU B 213 5.07 7.45 30.71
CA LEU B 213 5.19 6.17 30.02
C LEU B 213 6.64 5.73 29.85
N ASN B 214 7.53 6.19 30.74
CA ASN B 214 8.93 5.81 30.70
C ASN B 214 9.06 4.30 31.06
N PRO B 215 10.22 3.63 30.78
CA PRO B 215 10.31 2.20 31.06
C PRO B 215 10.14 1.79 32.54
N ASP B 216 10.48 2.69 33.49
CA ASP B 216 10.30 2.45 34.92
C ASP B 216 8.84 2.25 35.25
N ILE B 217 7.96 3.10 34.68
CA ILE B 217 6.50 3.01 34.87
C ILE B 217 5.95 1.76 34.16
N ILE B 218 6.28 1.57 32.87
CA ILE B 218 5.80 0.40 32.10
C ILE B 218 6.17 -0.94 32.78
N PHE B 219 7.42 -1.07 33.20
CA PHE B 219 7.89 -2.33 33.79
C PHE B 219 7.93 -2.29 35.34
N SER B 220 7.17 -1.38 35.97
CA SER B 220 7.10 -1.29 37.42
C SER B 220 6.54 -2.57 38.04
N GLU B 221 7.14 -2.99 39.15
CA GLU B 221 6.70 -4.18 39.88
C GLU B 221 5.61 -3.76 40.88
N LYS B 222 5.57 -2.46 41.21
CA LYS B 222 4.63 -1.88 42.16
C LYS B 222 3.24 -1.80 41.53
N THR B 223 2.22 -2.17 42.34
CA THR B 223 0.81 -2.12 41.95
C THR B 223 0.35 -0.66 41.93
N VAL B 224 -0.59 -0.34 41.03
CA VAL B 224 -1.05 1.05 40.87
C VAL B 224 -2.24 1.38 41.76
N VAL B 225 -2.13 2.53 42.44
CA VAL B 225 -3.17 3.10 43.31
C VAL B 225 -4.07 3.93 42.37
N PHE B 226 -5.25 3.37 42.02
CA PHE B 226 -6.16 4.05 41.12
C PHE B 226 -7.61 3.81 41.53
N PRO B 227 -8.32 4.85 42.01
CA PRO B 227 -9.72 4.64 42.43
C PRO B 227 -10.64 4.18 41.30
N LYS B 228 -11.66 3.37 41.64
CA LYS B 228 -12.65 2.89 40.66
C LYS B 228 -13.40 4.07 40.07
N ILE B 229 -13.87 3.94 38.83
CA ILE B 229 -14.66 4.97 38.15
C ILE B 229 -16.14 4.90 38.66
N LYS B 230 -16.58 6.00 39.23
CA LYS B 230 -17.86 6.13 39.93
C LYS B 230 -18.81 7.13 39.23
N VAL B 231 -18.53 7.39 37.94
CA VAL B 231 -19.25 8.31 37.09
C VAL B 231 -19.73 7.53 35.85
N PRO B 232 -21.01 7.71 35.40
CA PRO B 232 -21.46 7.01 34.18
C PRO B 232 -20.48 7.21 33.02
N THR B 233 -20.06 6.10 32.43
CA THR B 233 -19.02 6.14 31.38
C THR B 233 -19.42 5.55 30.02
N LEU B 234 -19.02 6.26 28.96
CA LEU B 234 -19.16 5.78 27.58
C LEU B 234 -17.74 5.63 26.99
N VAL B 235 -17.40 4.41 26.59
CA VAL B 235 -16.11 4.14 25.92
C VAL B 235 -16.37 3.88 24.43
N ILE B 236 -15.76 4.68 23.54
CA ILE B 236 -15.82 4.52 22.09
C ILE B 236 -14.46 3.95 21.64
N TRP B 237 -14.45 2.82 20.90
CA TRP B 237 -13.18 2.24 20.45
CA TRP B 237 -13.22 2.18 20.48
C TRP B 237 -13.14 1.81 18.98
N GLY B 238 -12.29 2.51 18.22
CA GLY B 238 -11.99 2.20 16.82
C GLY B 238 -11.05 1.02 16.88
N GLU B 239 -11.54 -0.18 16.52
CA GLU B 239 -10.84 -1.47 16.61
C GLU B 239 -9.53 -1.58 15.80
N LYS B 240 -9.41 -0.84 14.68
CA LYS B 240 -8.21 -0.88 13.83
C LYS B 240 -7.13 0.11 14.31
N ASP B 241 -7.00 0.26 15.66
CA ASP B 241 -6.04 1.18 16.27
C ASP B 241 -4.63 0.63 16.15
N VAL B 242 -3.75 1.42 15.51
CA VAL B 242 -2.34 1.04 15.28
C VAL B 242 -1.45 1.23 16.53
N ALA B 243 -1.89 2.06 17.46
CA ALA B 243 -1.18 2.38 18.69
C ALA B 243 -1.62 1.53 19.89
N ILE B 244 -2.89 1.08 19.92
CA ILE B 244 -3.45 0.33 21.05
C ILE B 244 -4.01 -1.05 20.69
N SER B 245 -3.57 -2.07 21.40
CA SER B 245 -4.05 -3.44 21.29
C SER B 245 -5.43 -3.59 22.01
N LYS B 246 -6.28 -4.53 21.55
CA LYS B 246 -7.59 -4.81 22.15
CA LYS B 246 -7.59 -4.75 22.17
C LYS B 246 -7.44 -5.32 23.59
N ASP B 247 -6.28 -5.91 23.89
CA ASP B 247 -5.91 -6.47 25.18
C ASP B 247 -6.03 -5.43 26.29
N LEU B 248 -5.87 -4.15 25.93
CA LEU B 248 -5.90 -3.03 26.85
C LEU B 248 -7.29 -2.44 27.12
N ILE B 249 -8.31 -2.78 26.31
CA ILE B 249 -9.67 -2.24 26.40
CA ILE B 249 -9.65 -2.22 26.49
C ILE B 249 -10.65 -3.27 26.97
N VAL B 250 -10.35 -4.56 26.81
CA VAL B 250 -11.26 -5.61 27.30
C VAL B 250 -11.30 -5.64 28.86
N ASN B 251 -12.36 -6.25 29.43
CA ASN B 251 -12.52 -6.48 30.87
C ASN B 251 -12.34 -5.23 31.74
N MET B 252 -13.13 -4.20 31.47
CA MET B 252 -13.11 -2.93 32.21
C MET B 252 -13.84 -3.04 33.55
N GLU B 253 -14.53 -4.20 33.83
CA GLU B 253 -15.33 -4.46 35.04
C GLU B 253 -14.64 -4.08 36.33
N ASP B 254 -13.38 -4.49 36.47
CA ASP B 254 -12.61 -4.23 37.68
C ASP B 254 -12.20 -2.76 37.82
N PHE B 255 -12.39 -1.92 36.78
CA PHE B 255 -12.03 -0.50 36.88
C PHE B 255 -13.22 0.47 37.05
N ILE B 256 -14.41 0.04 36.62
CA ILE B 256 -15.58 0.89 36.58
C ILE B 256 -16.68 0.29 37.43
N GLU B 257 -17.10 1.07 38.42
CA GLU B 257 -18.16 0.65 39.32
C GLU B 257 -19.50 1.18 38.81
N ALA B 258 -19.50 2.44 38.35
CA ALA B 258 -20.66 3.10 37.79
C ALA B 258 -21.11 2.36 36.51
N PRO B 259 -22.36 2.59 36.01
CA PRO B 259 -22.76 1.93 34.75
C PRO B 259 -21.94 2.46 33.59
N TYR B 260 -21.62 1.58 32.64
CA TYR B 260 -20.84 1.96 31.49
C TYR B 260 -21.20 1.16 30.26
N SER B 261 -20.85 1.75 29.12
CA SER B 261 -21.09 1.15 27.81
CA SER B 261 -21.08 1.12 27.82
C SER B 261 -19.86 1.30 26.95
N ILE B 262 -19.60 0.28 26.09
CA ILE B 262 -18.51 0.28 25.13
CA ILE B 262 -18.51 0.30 25.12
C ILE B 262 -19.10 0.20 23.72
N LYS B 263 -18.82 1.21 22.86
CA LYS B 263 -19.27 1.26 21.47
C LYS B 263 -18.06 0.97 20.59
N TYR B 264 -18.01 -0.22 20.01
CA TYR B 264 -16.95 -0.66 19.09
C TYR B 264 -17.22 -0.18 17.67
N PHE B 265 -16.17 0.34 17.02
CA PHE B 265 -16.18 0.81 15.64
C PHE B 265 -15.17 -0.09 14.88
N PRO B 266 -15.62 -1.28 14.41
CA PRO B 266 -14.68 -2.24 13.81
C PRO B 266 -13.94 -1.80 12.56
N GLU B 267 -14.50 -0.81 11.84
CA GLU B 267 -13.90 -0.32 10.60
C GLU B 267 -13.20 1.04 10.76
N CYS B 268 -13.01 1.46 12.02
CA CYS B 268 -12.32 2.69 12.39
C CYS B 268 -11.04 2.37 13.11
N GLY B 269 -10.14 3.35 13.11
CA GLY B 269 -8.84 3.29 13.77
C GLY B 269 -8.79 4.22 14.96
N HIS B 270 -7.59 4.73 15.26
CA HIS B 270 -7.33 5.62 16.38
C HIS B 270 -8.14 6.90 16.36
N TRP B 271 -8.26 7.53 15.19
CA TRP B 271 -9.00 8.79 15.03
C TRP B 271 -10.47 8.57 14.65
N VAL B 272 -11.21 7.81 15.49
CA VAL B 272 -12.61 7.48 15.29
CA VAL B 272 -12.64 7.51 15.38
C VAL B 272 -13.48 8.75 15.10
N GLN B 273 -13.17 9.87 15.81
CA GLN B 273 -13.93 11.12 15.69
C GLN B 273 -13.73 11.80 14.33
N LEU B 274 -12.65 11.47 13.63
CA LEU B 274 -12.36 11.99 12.29
C LEU B 274 -12.91 11.04 11.20
N GLU B 275 -12.98 9.74 11.50
CA GLU B 275 -13.39 8.71 10.54
C GLU B 275 -14.87 8.50 10.47
N GLU B 276 -15.59 8.60 11.61
CA GLU B 276 -17.05 8.51 11.65
C GLU B 276 -17.51 9.69 12.48
N PRO B 277 -17.32 10.96 12.00
CA PRO B 277 -17.66 12.11 12.83
C PRO B 277 -19.09 12.21 13.31
N GLU B 278 -20.07 11.87 12.44
CA GLU B 278 -21.49 11.94 12.79
C GLU B 278 -21.92 10.87 13.77
N LEU B 279 -21.50 9.62 13.58
CA LEU B 279 -21.86 8.52 14.49
C LEU B 279 -21.28 8.77 15.91
N VAL B 280 -20.04 9.29 15.99
CA VAL B 280 -19.36 9.64 17.22
C VAL B 280 -20.14 10.77 17.91
N ARG B 281 -20.47 11.84 17.16
CA ARG B 281 -21.25 12.97 17.68
C ARG B 281 -22.60 12.49 18.21
N LYS B 282 -23.29 11.60 17.46
CA LYS B 282 -24.58 11.04 17.85
C LYS B 282 -24.48 10.22 19.14
N HIS B 283 -23.48 9.32 19.25
CA HIS B 283 -23.27 8.51 20.46
C HIS B 283 -22.99 9.37 21.69
N ILE B 284 -22.25 10.48 21.53
CA ILE B 284 -21.95 11.41 22.61
C ILE B 284 -23.24 12.13 23.04
N GLU B 285 -23.99 12.69 22.08
CA GLU B 285 -25.26 13.41 22.32
C GLU B 285 -26.28 12.55 23.03
N GLU B 286 -26.54 11.34 22.49
CA GLU B 286 -27.49 10.37 23.03
C GLU B 286 -27.15 9.97 24.45
N PHE B 287 -25.86 9.78 24.75
CA PHE B 287 -25.40 9.39 26.08
C PHE B 287 -25.72 10.43 27.13
N ILE B 288 -25.43 11.72 26.83
CA ILE B 288 -25.70 12.86 27.71
C ILE B 288 -27.22 13.11 27.87
N LEU B 289 -27.92 13.39 26.74
CA LEU B 289 -29.33 13.77 26.66
C LEU B 289 -30.35 12.65 26.96
N LYS B 290 -29.93 11.38 26.96
CA LYS B 290 -30.90 10.31 27.24
C LYS B 290 -30.38 9.41 28.34
N SER B 291 -30.73 9.71 29.60
CA SER B 291 -30.30 8.91 30.76
C SER B 291 -31.26 7.75 31.07
N ASN C 2 -41.19 38.82 -22.88
CA ASN C 2 -41.91 37.58 -22.56
C ASN C 2 -40.99 36.46 -22.06
N GLU C 3 -41.59 35.34 -21.57
CA GLU C 3 -40.90 34.13 -21.04
C GLU C 3 -40.00 33.50 -22.11
N MET C 4 -38.67 33.59 -21.89
CA MET C 4 -37.66 33.13 -22.85
C MET C 4 -36.39 32.64 -22.15
N LEU C 5 -35.60 31.78 -22.83
CA LEU C 5 -34.35 31.26 -22.30
C LEU C 5 -33.28 32.36 -22.29
N LYS C 6 -32.74 32.67 -21.10
CA LYS C 6 -31.73 33.71 -20.93
C LYS C 6 -30.41 33.15 -20.47
N HIS C 7 -29.32 33.70 -21.01
CA HIS C 7 -27.95 33.33 -20.68
C HIS C 7 -27.44 34.33 -19.65
N GLU C 8 -26.87 33.83 -18.55
CA GLU C 8 -26.33 34.67 -17.49
C GLU C 8 -24.99 34.15 -17.01
N TYR C 9 -24.23 35.00 -16.31
CA TYR C 9 -22.92 34.71 -15.70
C TYR C 9 -22.95 35.22 -14.27
N VAL C 10 -22.38 34.47 -13.34
CA VAL C 10 -22.34 34.81 -11.92
C VAL C 10 -21.04 34.29 -11.29
N LYS C 11 -20.44 35.09 -10.40
CA LYS C 11 -19.21 34.69 -9.71
C LYS C 11 -19.56 33.89 -8.47
N VAL C 12 -19.05 32.64 -8.40
CA VAL C 12 -19.28 31.67 -7.32
C VAL C 12 -17.97 30.99 -6.96
N ASN C 13 -17.64 30.82 -5.65
CA ASN C 13 -16.42 30.12 -5.17
C ASN C 13 -15.10 30.53 -5.92
N GLY C 14 -14.98 31.82 -6.29
CA GLY C 14 -13.84 32.36 -7.02
C GLY C 14 -13.82 32.18 -8.54
N ILE C 15 -14.82 31.46 -9.09
CA ILE C 15 -14.93 31.22 -10.54
C ILE C 15 -16.18 31.90 -11.09
N LYS C 16 -16.16 32.30 -12.39
CA LYS C 16 -17.32 32.89 -13.08
C LYS C 16 -18.03 31.72 -13.77
N MET C 17 -19.30 31.53 -13.44
CA MET C 17 -20.07 30.42 -13.95
C MET C 17 -21.19 30.87 -14.89
N HIS C 18 -21.25 30.29 -16.09
CA HIS C 18 -22.28 30.57 -17.06
C HIS C 18 -23.43 29.61 -16.86
N TYR C 19 -24.66 30.11 -17.06
CA TYR C 19 -25.86 29.29 -17.00
C TYR C 19 -26.94 29.85 -17.89
N VAL C 20 -27.89 29.00 -18.23
CA VAL C 20 -29.09 29.39 -18.94
C VAL C 20 -30.22 29.26 -17.93
N THR C 21 -31.22 30.13 -18.03
CA THR C 21 -32.36 30.09 -17.10
C THR C 21 -33.66 30.46 -17.78
N GLN C 22 -34.73 29.84 -17.33
CA GLN C 22 -36.09 30.07 -17.77
C GLN C 22 -37.04 29.67 -16.65
N GLY C 23 -38.15 30.38 -16.56
CA GLY C 23 -39.19 30.10 -15.58
C GLY C 23 -38.99 30.80 -14.25
N LYS C 24 -40.00 30.66 -13.38
CA LYS C 24 -40.04 31.23 -12.04
C LYS C 24 -40.67 30.22 -11.06
N GLY C 25 -40.34 30.37 -9.79
CA GLY C 25 -40.81 29.48 -8.74
C GLY C 25 -39.64 28.92 -7.94
N LYS C 26 -39.78 27.64 -7.51
CA LYS C 26 -38.72 26.92 -6.77
C LYS C 26 -37.49 26.82 -7.67
N LEU C 27 -36.29 27.05 -7.10
CA LEU C 27 -35.03 26.93 -7.86
C LEU C 27 -34.80 25.46 -8.19
N LEU C 28 -34.68 25.16 -9.48
CA LEU C 28 -34.44 23.80 -9.99
C LEU C 28 -33.15 23.82 -10.80
N LEU C 29 -32.11 23.13 -10.29
CA LEU C 29 -30.80 23.02 -10.96
C LEU C 29 -30.72 21.76 -11.78
N LEU C 30 -30.25 21.89 -13.02
CA LEU C 30 -30.03 20.77 -13.95
C LEU C 30 -28.53 20.75 -14.23
N LEU C 31 -27.84 19.70 -13.79
CA LEU C 31 -26.39 19.58 -13.92
C LEU C 31 -25.97 18.48 -14.89
N HIS C 32 -25.28 18.89 -15.97
CA HIS C 32 -24.78 18.02 -17.04
C HIS C 32 -23.52 17.25 -16.61
N GLY C 33 -23.01 16.42 -17.50
CA GLY C 33 -21.77 15.68 -17.31
C GLY C 33 -20.88 15.74 -18.54
N PHE C 34 -20.08 14.69 -18.74
CA PHE C 34 -19.16 14.58 -19.87
C PHE C 34 -19.78 13.79 -21.06
N PRO C 35 -19.63 14.26 -22.33
CA PRO C 35 -18.95 15.48 -22.80
C PRO C 35 -20.02 16.53 -23.15
N ASP C 36 -20.84 16.91 -22.16
CA ASP C 36 -21.96 17.80 -22.41
C ASP C 36 -21.74 19.20 -21.89
N PHE C 37 -22.82 19.96 -21.74
CA PHE C 37 -22.89 21.31 -21.19
C PHE C 37 -24.37 21.57 -20.98
N TRP C 38 -24.79 22.79 -20.62
CA TRP C 38 -26.22 23.07 -20.36
C TRP C 38 -27.16 22.52 -21.42
N TYR C 39 -26.71 22.51 -22.69
CA TYR C 39 -27.49 22.13 -23.87
C TYR C 39 -28.03 20.71 -23.83
N VAL C 40 -27.45 19.81 -23.00
CA VAL C 40 -27.97 18.43 -22.87
C VAL C 40 -29.41 18.45 -22.29
N TRP C 41 -29.80 19.55 -21.61
CA TRP C 41 -31.10 19.72 -20.96
C TRP C 41 -32.15 20.42 -21.85
N ARG C 42 -31.84 20.64 -23.16
CA ARG C 42 -32.68 21.32 -24.16
C ARG C 42 -34.15 20.84 -24.20
N PHE C 43 -34.41 19.54 -24.05
CA PHE C 43 -35.76 18.99 -24.08
C PHE C 43 -36.51 19.10 -22.76
N GLN C 44 -35.81 19.40 -21.65
CA GLN C 44 -36.46 19.52 -20.34
C GLN C 44 -36.65 20.94 -19.88
N ILE C 45 -35.74 21.86 -20.26
CA ILE C 45 -35.77 23.26 -19.81
C ILE C 45 -37.14 23.93 -20.05
N PRO C 46 -37.70 24.01 -21.29
CA PRO C 46 -38.99 24.71 -21.44
C PRO C 46 -40.19 24.07 -20.73
N ALA C 47 -40.27 22.74 -20.64
CA ALA C 47 -41.36 22.03 -19.97
C ALA C 47 -41.31 22.20 -18.45
N LEU C 48 -40.08 22.24 -17.89
CA LEU C 48 -39.89 22.45 -16.44
C LEU C 48 -40.00 23.94 -16.09
N ALA C 49 -39.71 24.84 -17.05
CA ALA C 49 -39.82 26.29 -16.81
C ALA C 49 -41.27 26.74 -16.59
N LYS C 50 -42.24 25.79 -16.71
CA LYS C 50 -43.69 26.01 -16.52
C LYS C 50 -44.07 26.03 -15.05
N HIS C 51 -43.27 25.33 -14.20
CA HIS C 51 -43.52 25.19 -12.77
C HIS C 51 -42.37 25.70 -11.89
N PHE C 52 -41.16 25.75 -12.44
CA PHE C 52 -39.99 26.09 -11.63
C PHE C 52 -39.10 27.11 -12.31
N ARG C 53 -38.20 27.72 -11.49
CA ARG C 53 -37.15 28.62 -11.92
C ARG C 53 -35.98 27.68 -12.29
N VAL C 54 -35.96 27.24 -13.56
CA VAL C 54 -34.96 26.32 -14.10
C VAL C 54 -33.64 27.02 -14.32
N VAL C 55 -32.54 26.43 -13.79
CA VAL C 55 -31.18 26.93 -13.96
C VAL C 55 -30.29 25.77 -14.38
N ALA C 56 -29.72 25.85 -15.59
CA ALA C 56 -28.83 24.81 -16.12
C ALA C 56 -27.46 25.43 -16.35
N PRO C 57 -26.50 25.23 -15.41
CA PRO C 57 -25.17 25.83 -15.60
C PRO C 57 -24.19 24.97 -16.39
N ASP C 58 -23.08 25.59 -16.79
CA ASP C 58 -21.95 24.89 -17.38
C ASP C 58 -21.04 24.70 -16.17
N LEU C 59 -20.65 23.44 -15.88
CA LEU C 59 -19.81 23.13 -14.73
C LEU C 59 -18.44 23.74 -14.91
N ARG C 60 -17.67 23.84 -13.83
CA ARG C 60 -16.30 24.32 -13.85
C ARG C 60 -15.51 23.62 -14.99
N GLY C 61 -14.90 24.43 -15.85
CA GLY C 61 -14.11 23.97 -16.96
C GLY C 61 -14.85 23.72 -18.26
N TYR C 62 -16.17 23.85 -18.26
CA TYR C 62 -16.98 23.58 -19.46
C TYR C 62 -17.49 24.81 -20.16
N ASN C 63 -17.60 24.71 -21.49
CA ASN C 63 -18.18 25.69 -22.39
C ASN C 63 -17.84 27.16 -22.03
N GLU C 64 -18.81 27.90 -21.47
CA GLU C 64 -18.66 29.32 -21.14
C GLU C 64 -18.24 29.64 -19.71
N THR C 65 -18.12 28.61 -18.84
CA THR C 65 -17.70 28.76 -17.45
C THR C 65 -16.16 28.82 -17.38
N ASP C 66 -15.61 29.44 -16.31
CA ASP C 66 -14.17 29.56 -16.08
C ASP C 66 -13.51 28.18 -16.00
N LYS C 67 -12.27 28.12 -16.48
CA LYS C 67 -11.49 26.90 -16.57
C LYS C 67 -10.17 27.01 -15.83
N PRO C 68 -10.15 26.93 -14.48
CA PRO C 68 -8.86 27.01 -13.77
C PRO C 68 -7.90 25.89 -14.19
N GLU C 69 -6.58 26.20 -14.18
CA GLU C 69 -5.52 25.27 -14.56
CA GLU C 69 -5.49 25.30 -14.56
C GLU C 69 -5.16 24.36 -13.40
N GLY C 70 -4.82 23.12 -13.72
CA GLY C 70 -4.43 22.14 -12.71
C GLY C 70 -5.51 21.15 -12.32
N VAL C 71 -5.12 19.87 -12.26
CA VAL C 71 -5.94 18.71 -11.91
C VAL C 71 -6.60 18.90 -10.53
N GLU C 72 -5.86 19.46 -9.55
CA GLU C 72 -6.35 19.68 -8.19
C GLU C 72 -7.57 20.63 -8.11
N ASN C 73 -7.78 21.45 -9.14
CA ASN C 73 -8.91 22.37 -9.19
C ASN C 73 -10.22 21.70 -9.65
N TYR C 74 -10.18 20.35 -9.83
CA TYR C 74 -11.31 19.59 -10.34
C TYR C 74 -11.71 18.46 -9.39
N ARG C 75 -11.27 18.57 -8.13
CA ARG C 75 -11.62 17.62 -7.07
CA ARG C 75 -11.63 17.61 -7.09
C ARG C 75 -13.11 17.80 -6.77
N LEU C 76 -13.82 16.70 -6.50
CA LEU C 76 -15.26 16.71 -6.20
C LEU C 76 -15.69 17.72 -5.14
N ASP C 77 -14.87 17.88 -4.06
CA ASP C 77 -15.16 18.82 -2.97
CA ASP C 77 -15.17 18.82 -2.98
C ASP C 77 -15.34 20.25 -3.52
N LEU C 78 -14.44 20.70 -4.40
CA LEU C 78 -14.52 22.03 -5.02
C LEU C 78 -15.69 22.16 -5.98
N LEU C 79 -16.00 21.07 -6.72
CA LEU C 79 -17.10 21.04 -7.67
C LEU C 79 -18.45 21.14 -6.97
N ALA C 80 -18.61 20.46 -5.80
CA ALA C 80 -19.84 20.52 -4.99
C ALA C 80 -19.96 21.91 -4.37
N LYS C 81 -18.82 22.53 -3.98
CA LYS C 81 -18.77 23.89 -3.42
C LYS C 81 -19.19 24.95 -4.44
N ASP C 82 -18.94 24.71 -5.75
CA ASP C 82 -19.35 25.63 -6.82
C ASP C 82 -20.88 25.67 -6.90
N ILE C 83 -21.53 24.50 -6.74
CA ILE C 83 -22.98 24.37 -6.81
C ILE C 83 -23.63 24.98 -5.58
N LEU C 84 -23.05 24.71 -4.39
CA LEU C 84 -23.50 25.31 -3.12
C LEU C 84 -23.44 26.84 -3.26
N GLY C 85 -22.30 27.33 -3.78
CA GLY C 85 -22.06 28.74 -4.06
C GLY C 85 -23.03 29.31 -5.06
N LEU C 86 -23.41 28.53 -6.09
CA LEU C 86 -24.39 28.91 -7.11
C LEU C 86 -25.78 29.12 -6.49
N ILE C 87 -26.21 28.21 -5.63
CA ILE C 87 -27.50 28.30 -4.94
C ILE C 87 -27.57 29.63 -4.18
N LYS C 88 -26.52 29.96 -3.40
CA LYS C 88 -26.40 31.20 -2.63
C LYS C 88 -26.42 32.44 -3.54
N ALA C 89 -25.59 32.45 -4.60
CA ALA C 89 -25.50 33.56 -5.57
C ALA C 89 -26.82 33.85 -6.32
N LEU C 90 -27.71 32.86 -6.42
CA LEU C 90 -29.03 32.98 -7.04
C LEU C 90 -30.09 33.44 -6.02
N GLY C 91 -29.64 33.82 -4.83
CA GLY C 91 -30.47 34.33 -3.74
C GLY C 91 -31.37 33.30 -3.10
N GLU C 92 -30.94 32.04 -3.05
CA GLU C 92 -31.73 30.96 -2.46
C GLU C 92 -30.97 30.28 -1.33
N GLU C 93 -31.69 29.53 -0.49
CA GLU C 93 -31.12 28.77 0.63
C GLU C 93 -30.93 27.34 0.19
N HIS C 94 -31.86 26.85 -0.66
CA HIS C 94 -31.86 25.50 -1.19
C HIS C 94 -32.35 25.47 -2.63
N ALA C 95 -32.27 24.29 -3.26
CA ALA C 95 -32.75 24.06 -4.62
C ALA C 95 -33.12 22.60 -4.74
N VAL C 96 -33.86 22.27 -5.80
CA VAL C 96 -34.14 20.90 -6.17
C VAL C 96 -32.98 20.63 -7.16
N VAL C 97 -32.16 19.60 -6.88
CA VAL C 97 -30.96 19.33 -7.70
C VAL C 97 -31.13 18.06 -8.53
N VAL C 98 -31.00 18.22 -9.88
CA VAL C 98 -31.03 17.15 -10.86
C VAL C 98 -29.63 17.07 -11.50
N GLY C 99 -29.00 15.90 -11.40
CA GLY C 99 -27.65 15.72 -11.94
C GLY C 99 -27.50 14.47 -12.78
N HIS C 100 -26.86 14.62 -13.96
CA HIS C 100 -26.58 13.54 -14.88
C HIS C 100 -25.07 13.34 -14.97
N ASP C 101 -24.61 12.08 -14.92
CA ASP C 101 -23.19 11.76 -15.09
C ASP C 101 -22.35 12.52 -14.02
N TRP C 102 -21.34 13.32 -14.41
CA TRP C 102 -20.55 14.09 -13.44
C TRP C 102 -21.42 15.04 -12.63
N GLY C 103 -22.45 15.59 -13.27
CA GLY C 103 -23.45 16.42 -12.60
C GLY C 103 -24.14 15.67 -11.48
N GLY C 104 -24.38 14.37 -11.70
CA GLY C 104 -24.97 13.47 -10.70
C GLY C 104 -24.00 13.17 -9.57
N ILE C 105 -22.72 12.91 -9.89
CA ILE C 105 -21.70 12.67 -8.88
C ILE C 105 -21.56 13.90 -7.98
N ILE C 106 -21.56 15.10 -8.58
CA ILE C 106 -21.51 16.37 -7.84
C ILE C 106 -22.77 16.51 -6.96
N SER C 107 -23.95 16.12 -7.50
CA SER C 107 -25.23 16.19 -6.79
C SER C 107 -25.26 15.27 -5.57
N TRP C 108 -24.77 14.01 -5.70
CA TRP C 108 -24.67 13.07 -4.57
C TRP C 108 -23.81 13.70 -3.45
N THR C 109 -22.68 14.32 -3.83
CA THR C 109 -21.71 14.95 -2.91
C THR C 109 -22.34 16.16 -2.19
N LEU C 110 -23.00 17.03 -2.94
CA LEU C 110 -23.69 18.20 -2.41
C LEU C 110 -24.82 17.78 -1.42
N THR C 111 -25.65 16.80 -1.80
CA THR C 111 -26.72 16.29 -0.94
C THR C 111 -26.16 15.68 0.36
N ALA C 112 -25.10 14.86 0.26
CA ALA C 112 -24.51 14.20 1.44
C ALA C 112 -23.88 15.17 2.43
N PHE C 113 -23.10 16.15 1.97
CA PHE C 113 -22.40 17.10 2.81
C PHE C 113 -23.18 18.36 3.15
N ASN C 114 -24.18 18.73 2.34
CA ASN C 114 -25.01 19.91 2.60
C ASN C 114 -26.49 19.59 2.33
N PRO C 115 -27.17 18.79 3.19
CA PRO C 115 -28.59 18.46 2.94
C PRO C 115 -29.53 19.66 2.96
N GLN C 116 -29.12 20.73 3.67
CA GLN C 116 -29.91 21.95 3.79
C GLN C 116 -30.11 22.66 2.45
N ALA C 117 -29.09 22.60 1.56
CA ALA C 117 -29.12 23.24 0.26
C ALA C 117 -29.83 22.43 -0.83
N VAL C 118 -30.28 21.20 -0.49
CA VAL C 118 -30.93 20.32 -1.45
C VAL C 118 -32.29 19.89 -0.92
N GLU C 119 -33.39 20.41 -1.50
CA GLU C 119 -34.75 20.08 -1.12
C GLU C 119 -35.06 18.61 -1.46
N LYS C 120 -34.88 18.24 -2.75
CA LYS C 120 -35.04 16.90 -3.27
C LYS C 120 -33.86 16.64 -4.22
N LEU C 121 -33.44 15.37 -4.36
CA LEU C 121 -32.32 14.98 -5.24
C LEU C 121 -32.79 14.08 -6.38
N VAL C 122 -32.45 14.44 -7.64
CA VAL C 122 -32.74 13.62 -8.82
C VAL C 122 -31.40 13.22 -9.46
N ILE C 123 -31.15 11.92 -9.60
CA ILE C 123 -29.93 11.38 -10.21
C ILE C 123 -30.28 10.65 -11.51
N LEU C 124 -29.55 10.96 -12.61
CA LEU C 124 -29.70 10.27 -13.91
C LEU C 124 -28.35 9.65 -14.24
N ASN C 125 -28.30 8.31 -14.33
CA ASN C 125 -27.12 7.54 -14.71
C ASN C 125 -25.80 8.14 -14.18
N ALA C 126 -25.69 8.17 -12.85
CA ALA C 126 -24.54 8.68 -12.11
C ALA C 126 -24.41 7.80 -10.88
N PRO C 127 -23.37 6.98 -10.79
CA PRO C 127 -23.24 6.12 -9.60
C PRO C 127 -22.88 6.93 -8.36
N HIS C 128 -23.32 6.46 -7.19
CA HIS C 128 -23.01 7.09 -5.91
C HIS C 128 -21.47 7.02 -5.74
N PRO C 129 -20.80 8.12 -5.33
CA PRO C 129 -19.33 8.09 -5.18
C PRO C 129 -18.79 6.94 -4.33
N LYS C 130 -19.47 6.62 -3.20
CA LYS C 130 -18.99 5.51 -2.37
C LYS C 130 -19.24 4.16 -3.05
N ALA C 131 -20.32 4.03 -3.82
CA ALA C 131 -20.59 2.80 -4.58
C ALA C 131 -19.48 2.56 -5.62
N TYR C 132 -19.07 3.61 -6.42
CA TYR C 132 -18.02 3.46 -7.45
CA TYR C 132 -18.05 3.38 -7.43
C TYR C 132 -16.68 3.14 -6.79
N MET C 133 -16.36 3.84 -5.68
CA MET C 133 -15.07 3.69 -4.97
CA MET C 133 -15.08 3.68 -5.01
C MET C 133 -14.90 2.33 -4.34
N THR C 134 -15.99 1.74 -3.83
CA THR C 134 -15.97 0.45 -3.18
C THR C 134 -16.02 -0.69 -4.19
N ARG C 135 -16.99 -0.65 -5.12
CA ARG C 135 -17.27 -1.74 -6.04
C ARG C 135 -16.40 -1.89 -7.30
N THR C 136 -15.95 -0.77 -7.92
CA THR C 136 -15.22 -0.81 -9.20
C THR C 136 -14.04 -1.81 -9.19
N LYS C 137 -13.11 -1.70 -8.22
CA LYS C 137 -11.96 -2.58 -8.10
C LYS C 137 -12.33 -4.08 -7.98
N ASN C 138 -13.58 -4.37 -7.60
CA ASN C 138 -14.12 -5.72 -7.41
C ASN C 138 -15.03 -6.16 -8.56
N SER C 139 -15.19 -5.29 -9.58
CA SER C 139 -16.04 -5.60 -10.72
C SER C 139 -15.23 -5.54 -12.02
N LEU C 140 -14.92 -6.73 -12.58
CA LEU C 140 -14.19 -6.84 -13.82
C LEU C 140 -14.95 -6.12 -14.94
N ARG C 141 -16.27 -6.33 -15.03
CA ARG C 141 -17.12 -5.70 -16.04
CA ARG C 141 -17.11 -5.70 -16.04
C ARG C 141 -17.13 -4.17 -15.90
N GLN C 142 -17.03 -3.64 -14.65
CA GLN C 142 -16.99 -2.18 -14.48
C GLN C 142 -15.61 -1.66 -14.88
N LEU C 143 -14.52 -2.37 -14.49
CA LEU C 143 -13.14 -2.00 -14.83
C LEU C 143 -13.00 -1.97 -16.36
N GLN C 144 -13.61 -2.96 -17.03
CA GLN C 144 -13.64 -3.05 -18.50
C GLN C 144 -14.38 -1.86 -19.12
N LYS C 145 -15.61 -1.55 -18.64
CA LYS C 145 -16.41 -0.43 -19.12
CA LYS C 145 -16.40 -0.43 -19.13
C LYS C 145 -15.65 0.90 -18.90
N SER C 146 -14.85 0.96 -17.84
CA SER C 146 -14.07 2.14 -17.47
C SER C 146 -12.67 2.18 -18.10
N TRP C 147 -12.43 1.47 -19.23
CA TRP C 147 -11.14 1.48 -19.92
C TRP C 147 -10.70 2.94 -20.22
N TYR C 148 -11.65 3.81 -20.63
CA TYR C 148 -11.39 5.19 -21.01
C TYR C 148 -11.03 6.08 -19.83
N VAL C 149 -11.49 5.71 -18.60
CA VAL C 149 -11.15 6.43 -17.35
C VAL C 149 -9.62 6.31 -17.17
N PHE C 150 -9.09 5.11 -17.41
CA PHE C 150 -7.65 4.85 -17.36
C PHE C 150 -6.93 5.57 -18.51
N PHE C 151 -7.51 5.54 -19.72
CA PHE C 151 -6.99 6.23 -20.90
C PHE C 151 -6.83 7.73 -20.59
N PHE C 152 -7.87 8.36 -20.01
CA PHE C 152 -7.89 9.79 -19.68
C PHE C 152 -6.86 10.24 -18.64
N GLN C 153 -6.24 9.31 -17.89
CA GLN C 153 -5.22 9.63 -16.88
C GLN C 153 -3.95 10.19 -17.47
N VAL C 154 -3.60 9.74 -18.68
CA VAL C 154 -2.42 10.14 -19.44
C VAL C 154 -2.53 11.62 -19.84
N ALA C 155 -1.44 12.38 -19.69
CA ALA C 155 -1.42 13.78 -20.04
C ALA C 155 -1.32 13.98 -21.55
N ASN C 156 -2.04 14.99 -22.08
CA ASN C 156 -2.03 15.51 -23.46
C ASN C 156 -2.48 14.56 -24.59
N ILE C 157 -2.09 13.28 -24.54
CA ILE C 157 -2.43 12.29 -25.57
C ILE C 157 -3.97 12.12 -25.70
N PRO C 158 -4.77 11.93 -24.61
CA PRO C 158 -6.24 11.81 -24.80
C PRO C 158 -6.86 13.07 -25.42
N GLU C 159 -6.39 14.27 -25.02
CA GLU C 159 -6.87 15.55 -25.59
C GLU C 159 -6.65 15.56 -27.09
N LYS C 160 -5.45 15.18 -27.53
CA LYS C 160 -5.07 15.09 -28.93
C LYS C 160 -5.94 14.10 -29.69
N ILE C 161 -6.08 12.86 -29.19
CA ILE C 161 -6.89 11.82 -29.84
C ILE C 161 -8.36 12.22 -29.95
N LEU C 162 -8.92 12.78 -28.87
CA LEU C 162 -10.33 13.15 -28.81
C LEU C 162 -10.70 14.34 -29.71
N SER C 163 -9.83 15.37 -29.77
CA SER C 163 -10.08 16.60 -30.54
C SER C 163 -9.75 16.55 -32.04
N ARG C 164 -8.70 15.81 -32.45
CA ARG C 164 -8.30 15.74 -33.86
C ARG C 164 -9.44 15.34 -34.81
N ASN C 165 -9.36 15.78 -36.09
CA ASN C 165 -10.36 15.54 -37.13
C ASN C 165 -11.75 16.02 -36.71
N GLU C 166 -11.80 17.24 -36.15
CA GLU C 166 -13.02 17.90 -35.66
C GLU C 166 -13.80 17.01 -34.66
N PHE C 167 -13.06 16.47 -33.65
CA PHE C 167 -13.58 15.64 -32.56
C PHE C 167 -14.29 14.39 -33.07
N ALA C 168 -13.74 13.75 -34.13
CA ALA C 168 -14.35 12.55 -34.73
C ALA C 168 -14.42 11.38 -33.73
N PHE C 169 -13.34 11.18 -32.94
CA PHE C 169 -13.29 10.13 -31.92
C PHE C 169 -14.39 10.34 -30.89
N LEU C 170 -14.54 11.60 -30.42
CA LEU C 170 -15.56 11.99 -29.44
C LEU C 170 -16.97 11.84 -30.00
N LYS C 171 -17.21 12.29 -31.25
CA LYS C 171 -18.50 12.16 -31.94
C LYS C 171 -18.89 10.68 -32.03
N ASN C 172 -17.96 9.80 -32.46
CA ASN C 172 -18.16 8.36 -32.60
C ASN C 172 -18.49 7.69 -31.26
N MET C 173 -17.68 7.98 -30.22
CA MET C 173 -17.90 7.41 -28.88
C MET C 173 -19.24 7.86 -28.31
N LEU C 174 -19.69 9.08 -28.65
CA LEU C 174 -20.99 9.62 -28.24
C LEU C 174 -22.14 8.89 -28.95
N ILE C 175 -22.12 8.87 -30.31
CA ILE C 175 -23.15 8.23 -31.14
C ILE C 175 -23.28 6.72 -30.84
N GLN C 176 -22.16 6.01 -30.49
CA GLN C 176 -22.24 4.58 -30.20
CA GLN C 176 -22.20 4.58 -30.17
C GLN C 176 -22.79 4.31 -28.77
N SER C 177 -22.90 5.35 -27.93
CA SER C 177 -23.45 5.27 -26.57
C SER C 177 -24.97 5.39 -26.57
N PHE C 178 -25.57 5.88 -27.70
CA PHE C 178 -27.00 6.04 -27.85
C PHE C 178 -27.68 4.76 -28.30
N VAL C 179 -28.91 4.52 -27.82
CA VAL C 179 -29.68 3.34 -28.20
C VAL C 179 -30.63 3.66 -29.36
N ARG C 180 -30.63 4.92 -29.80
CA ARG C 180 -31.41 5.42 -30.93
C ARG C 180 -30.43 5.91 -31.98
N ARG C 181 -30.66 5.49 -33.23
CA ARG C 181 -29.80 5.73 -34.39
C ARG C 181 -29.65 7.22 -34.82
N ASP C 182 -30.76 7.99 -34.91
CA ASP C 182 -30.69 9.37 -35.39
C ASP C 182 -31.04 10.39 -34.31
N LEU C 183 -30.35 10.27 -33.16
CA LEU C 183 -30.58 11.11 -31.99
C LEU C 183 -30.09 12.56 -32.19
N LEU C 184 -28.80 12.74 -32.44
CA LEU C 184 -28.21 14.07 -32.65
C LEU C 184 -28.31 14.48 -34.10
N THR C 185 -28.76 15.74 -34.33
CA THR C 185 -28.86 16.31 -35.68
C THR C 185 -27.49 16.88 -36.04
N GLU C 186 -27.33 17.25 -37.33
CA GLU C 186 -26.13 17.88 -37.88
CA GLU C 186 -26.08 17.85 -37.81
C GLU C 186 -25.91 19.21 -37.12
N GLU C 187 -27.05 19.93 -36.84
CA GLU C 187 -27.12 21.21 -36.13
CA GLU C 187 -27.09 21.21 -36.14
C GLU C 187 -26.60 21.04 -34.68
N ASP C 188 -27.03 19.94 -34.01
CA ASP C 188 -26.69 19.56 -32.62
C ASP C 188 -25.18 19.32 -32.52
N LEU C 189 -24.63 18.51 -33.44
CA LEU C 189 -23.20 18.18 -33.50
C LEU C 189 -22.35 19.41 -33.68
N ARG C 190 -22.87 20.41 -34.42
CA ARG C 190 -22.18 21.68 -34.66
CA ARG C 190 -22.16 21.66 -34.64
C ARG C 190 -22.08 22.44 -33.34
N ILE C 191 -23.18 22.45 -32.58
CA ILE C 191 -23.32 23.11 -31.27
C ILE C 191 -22.37 22.46 -30.24
N TYR C 192 -22.33 21.10 -30.20
CA TYR C 192 -21.45 20.33 -29.30
C TYR C 192 -19.99 20.61 -29.60
N VAL C 193 -19.58 20.54 -30.88
CA VAL C 193 -18.19 20.83 -31.30
C VAL C 193 -17.78 22.24 -30.86
N ASP C 194 -18.68 23.25 -30.98
CA ASP C 194 -18.41 24.62 -30.54
C ASP C 194 -18.05 24.67 -29.05
N ALA C 195 -18.87 24.00 -28.21
CA ALA C 195 -18.65 23.91 -26.77
C ALA C 195 -17.37 23.13 -26.45
N TRP C 196 -17.10 22.05 -27.23
CA TRP C 196 -15.91 21.21 -27.06
C TRP C 196 -14.64 21.94 -27.38
N SER C 197 -14.71 22.86 -28.37
CA SER C 197 -13.60 23.64 -28.90
C SER C 197 -13.14 24.79 -28.03
N LYS C 198 -13.93 25.20 -27.02
CA LYS C 198 -13.57 26.30 -26.13
C LYS C 198 -12.19 26.05 -25.53
N SER C 199 -11.33 27.08 -25.57
CA SER C 199 -9.95 27.00 -25.11
C SER C 199 -9.83 26.44 -23.70
N GLY C 200 -9.20 25.28 -23.59
CA GLY C 200 -8.97 24.60 -22.32
C GLY C 200 -10.11 23.74 -21.80
N ALA C 201 -11.24 23.67 -22.53
CA ALA C 201 -12.42 22.91 -22.14
C ALA C 201 -12.20 21.40 -22.03
N LEU C 202 -11.54 20.80 -23.03
CA LEU C 202 -11.28 19.35 -23.07
C LEU C 202 -10.35 18.92 -21.96
N THR C 203 -9.24 19.66 -21.71
CA THR C 203 -8.32 19.33 -20.62
C THR C 203 -9.02 19.38 -19.27
N SER C 204 -9.83 20.43 -19.06
CA SER C 204 -10.59 20.67 -17.84
C SER C 204 -11.58 19.55 -17.59
N ALA C 205 -12.35 19.15 -18.62
CA ALA C 205 -13.31 18.04 -18.60
C ALA C 205 -12.59 16.73 -18.22
N LEU C 206 -11.39 16.49 -18.80
CA LEU C 206 -10.59 15.30 -18.51
C LEU C 206 -9.98 15.32 -17.14
N ASN C 207 -9.76 16.53 -16.58
CA ASN C 207 -9.22 16.70 -15.22
C ASN C 207 -10.15 16.15 -14.14
N TYR C 208 -11.46 16.00 -14.44
CA TYR C 208 -12.43 15.41 -13.49
C TYR C 208 -12.03 13.95 -13.21
N TYR C 209 -11.60 13.23 -14.27
CA TYR C 209 -11.17 11.83 -14.19
C TYR C 209 -9.82 11.71 -13.50
N ARG C 210 -8.91 12.65 -13.79
CA ARG C 210 -7.55 12.68 -13.24
C ARG C 210 -7.57 12.97 -11.76
N ALA C 211 -8.48 13.86 -11.32
CA ALA C 211 -8.60 14.25 -9.92
C ALA C 211 -9.40 13.29 -9.08
N ASN C 212 -10.48 12.71 -9.62
CA ASN C 212 -11.39 11.91 -8.82
C ASN C 212 -11.45 10.44 -9.14
N LEU C 213 -10.87 10.01 -10.26
CA LEU C 213 -10.98 8.60 -10.68
C LEU C 213 -9.64 8.04 -11.09
N ASN C 214 -8.54 8.59 -10.56
CA ASN C 214 -7.21 8.10 -10.86
C ASN C 214 -7.02 6.67 -10.26
N PRO C 215 -5.98 5.89 -10.66
CA PRO C 215 -5.85 4.51 -10.12
C PRO C 215 -5.66 4.40 -8.61
N ASP C 216 -5.06 5.43 -7.96
CA ASP C 216 -4.88 5.48 -6.51
C ASP C 216 -6.22 5.44 -5.81
N ILE C 217 -7.19 6.23 -6.30
CA ILE C 217 -8.54 6.28 -5.74
C ILE C 217 -9.28 4.96 -6.05
N ILE C 218 -9.30 4.50 -7.33
CA ILE C 218 -9.99 3.26 -7.72
C ILE C 218 -9.48 2.05 -6.89
N PHE C 219 -8.17 1.90 -6.76
CA PHE C 219 -7.60 0.74 -6.07
C PHE C 219 -7.15 1.05 -4.63
N SER C 220 -7.67 2.13 -4.03
CA SER C 220 -7.36 2.49 -2.65
C SER C 220 -7.78 1.38 -1.69
N GLU C 221 -6.94 1.10 -0.70
CA GLU C 221 -7.25 0.10 0.33
C GLU C 221 -8.11 0.74 1.43
N LYS C 222 -8.08 2.08 1.52
CA LYS C 222 -8.83 2.85 2.52
CA LYS C 222 -8.83 2.86 2.51
C LYS C 222 -10.21 3.28 1.98
N THR C 223 -11.22 3.41 2.85
CA THR C 223 -12.53 3.87 2.35
C THR C 223 -12.59 5.38 2.49
N VAL C 224 -13.73 5.96 2.16
CA VAL C 224 -13.89 7.40 2.34
C VAL C 224 -15.03 7.68 3.28
N VAL C 225 -14.92 8.85 3.92
CA VAL C 225 -15.92 9.40 4.81
C VAL C 225 -16.98 9.98 3.87
N PHE C 226 -18.18 9.39 3.85
CA PHE C 226 -19.28 9.87 3.00
C PHE C 226 -20.61 9.73 3.74
N PRO C 227 -21.22 10.86 4.17
CA PRO C 227 -22.49 10.78 4.93
C PRO C 227 -23.62 10.17 4.14
N LYS C 228 -24.56 9.52 4.85
CA LYS C 228 -25.73 8.91 4.24
CA LYS C 228 -25.74 8.91 4.24
C LYS C 228 -26.65 10.01 3.66
N ILE C 229 -27.41 9.68 2.60
CA ILE C 229 -28.31 10.65 1.95
C ILE C 229 -29.60 10.75 2.79
N LYS C 230 -29.87 11.96 3.30
CA LYS C 230 -30.99 12.26 4.18
C LYS C 230 -32.06 13.16 3.53
N VAL C 231 -32.06 13.22 2.19
CA VAL C 231 -32.97 14.02 1.37
C VAL C 231 -33.74 13.09 0.40
N PRO C 232 -35.07 13.29 0.19
CA PRO C 232 -35.81 12.40 -0.74
C PRO C 232 -35.14 12.34 -2.12
N THR C 233 -34.87 11.12 -2.61
CA THR C 233 -34.11 10.85 -3.81
C THR C 233 -34.86 10.05 -4.85
N LEU C 234 -34.71 10.46 -6.11
CA LEU C 234 -35.22 9.75 -7.27
C LEU C 234 -34.04 9.44 -8.21
N VAL C 235 -33.85 8.17 -8.56
CA VAL C 235 -32.82 7.73 -9.49
C VAL C 235 -33.50 7.30 -10.77
N ILE C 236 -33.08 7.89 -11.92
CA ILE C 236 -33.55 7.53 -13.24
C ILE C 236 -32.34 6.84 -13.85
N TRP C 237 -32.51 5.55 -14.25
CA TRP C 237 -31.42 4.77 -14.80
CA TRP C 237 -31.39 4.80 -14.81
C TRP C 237 -31.72 4.04 -16.12
N GLY C 238 -31.02 4.42 -17.17
CA GLY C 238 -31.08 3.79 -18.48
C GLY C 238 -30.19 2.57 -18.40
N GLU C 239 -30.79 1.37 -18.40
CA GLU C 239 -30.11 0.08 -18.19
C GLU C 239 -29.04 -0.29 -19.23
N LYS C 240 -29.17 0.20 -20.48
CA LYS C 240 -28.22 -0.09 -21.54
C LYS C 240 -27.02 0.89 -21.55
N ASP C 241 -26.57 1.30 -20.34
CA ASP C 241 -25.46 2.23 -20.15
C ASP C 241 -24.13 1.54 -20.44
N VAL C 242 -23.39 2.09 -21.42
CA VAL C 242 -22.11 1.57 -21.90
C VAL C 242 -20.95 1.88 -20.96
N ALA C 243 -21.10 2.91 -20.11
CA ALA C 243 -20.08 3.36 -19.18
C ALA C 243 -20.24 2.80 -17.77
N ILE C 244 -21.48 2.50 -17.35
CA ILE C 244 -21.77 2.04 -15.99
C ILE C 244 -22.47 0.70 -15.92
N SER C 245 -21.90 -0.22 -15.15
CA SER C 245 -22.44 -1.54 -14.87
C SER C 245 -23.58 -1.40 -13.86
N LYS C 246 -24.60 -2.26 -13.96
CA LYS C 246 -25.74 -2.28 -13.02
C LYS C 246 -25.26 -2.59 -11.59
N ASP C 247 -24.09 -3.27 -11.44
CA ASP C 247 -23.42 -3.61 -10.16
C ASP C 247 -23.21 -2.38 -9.27
N LEU C 248 -23.05 -1.18 -9.88
CA LEU C 248 -22.76 0.06 -9.17
C LEU C 248 -24.01 0.91 -8.78
N ILE C 249 -25.20 0.46 -9.17
CA ILE C 249 -26.45 1.16 -8.90
CA ILE C 249 -26.42 1.18 -8.86
C ILE C 249 -27.35 0.32 -7.96
N VAL C 250 -27.19 -1.02 -7.95
CA VAL C 250 -28.00 -1.90 -7.09
C VAL C 250 -27.63 -1.71 -5.60
N ASN C 251 -28.55 -2.08 -4.67
CA ASN C 251 -28.33 -2.07 -3.23
C ASN C 251 -27.86 -0.72 -2.67
N MET C 252 -28.65 0.33 -2.94
CA MET C 252 -28.39 1.69 -2.46
C MET C 252 -28.75 1.92 -0.99
N GLU C 253 -29.40 0.91 -0.34
CA GLU C 253 -29.89 0.93 1.06
C GLU C 253 -28.89 1.48 2.04
N ASP C 254 -27.65 0.99 1.98
CA ASP C 254 -26.59 1.39 2.90
C ASP C 254 -26.07 2.82 2.66
N PHE C 255 -26.52 3.51 1.57
CA PHE C 255 -26.10 4.89 1.22
C PHE C 255 -27.18 5.95 1.45
N ILE C 256 -28.47 5.54 1.43
CA ILE C 256 -29.59 6.48 1.60
C ILE C 256 -30.48 6.08 2.79
N GLU C 257 -30.77 7.07 3.66
CA GLU C 257 -31.65 6.91 4.82
CA GLU C 257 -31.66 6.91 4.82
C GLU C 257 -33.07 7.35 4.44
N ALA C 258 -33.20 8.55 3.86
CA ALA C 258 -34.41 9.23 3.39
C ALA C 258 -35.19 8.40 2.36
N PRO C 259 -36.45 8.79 2.01
CA PRO C 259 -37.18 8.05 0.96
C PRO C 259 -36.42 8.01 -0.36
N TYR C 260 -36.40 6.82 -0.98
CA TYR C 260 -35.69 6.57 -2.22
C TYR C 260 -36.51 5.76 -3.21
N SER C 261 -36.46 6.16 -4.48
CA SER C 261 -37.16 5.49 -5.58
C SER C 261 -36.26 5.44 -6.83
N ILE C 262 -36.26 4.30 -7.51
CA ILE C 262 -35.46 4.11 -8.71
C ILE C 262 -36.36 3.72 -9.88
N LYS C 263 -36.29 4.51 -10.97
CA LYS C 263 -37.04 4.29 -12.20
C LYS C 263 -36.07 3.76 -13.25
N TYR C 264 -36.23 2.48 -13.60
CA TYR C 264 -35.41 1.81 -14.61
C TYR C 264 -36.00 2.02 -16.00
N PHE C 265 -35.13 2.32 -16.97
CA PHE C 265 -35.47 2.51 -18.38
C PHE C 265 -34.67 1.41 -19.12
N PRO C 266 -35.26 0.18 -19.24
CA PRO C 266 -34.52 -0.96 -19.83
C PRO C 266 -34.09 -0.83 -21.27
N GLU C 267 -34.78 0.02 -22.04
CA GLU C 267 -34.49 0.22 -23.46
C GLU C 267 -33.76 1.53 -23.74
N CYS C 268 -33.28 2.19 -22.68
CA CYS C 268 -32.48 3.43 -22.74
C CYS C 268 -31.06 3.17 -22.27
N GLY C 269 -30.16 4.04 -22.68
CA GLY C 269 -28.75 4.02 -22.34
C GLY C 269 -28.38 5.15 -21.39
N HIS C 270 -27.13 5.61 -21.48
CA HIS C 270 -26.58 6.67 -20.64
C HIS C 270 -27.35 7.99 -20.72
N TRP C 271 -27.75 8.39 -21.94
CA TRP C 271 -28.48 9.64 -22.17
C TRP C 271 -29.98 9.48 -22.16
N VAL C 272 -30.51 8.95 -21.04
CA VAL C 272 -31.92 8.69 -20.83
C VAL C 272 -32.80 9.97 -21.03
N GLN C 273 -32.27 11.18 -20.66
CA GLN C 273 -32.99 12.45 -20.82
C GLN C 273 -33.12 12.85 -22.31
N LEU C 274 -32.25 12.31 -23.17
CA LEU C 274 -32.29 12.56 -24.60
C LEU C 274 -33.12 11.49 -25.34
N GLU C 275 -33.14 10.25 -24.80
CA GLU C 275 -33.82 9.13 -25.44
C GLU C 275 -35.30 9.06 -25.13
N GLU C 276 -35.70 9.39 -23.90
CA GLU C 276 -37.11 9.46 -23.49
C GLU C 276 -37.30 10.80 -22.80
N PRO C 277 -37.19 11.95 -23.53
CA PRO C 277 -37.26 13.26 -22.87
C PRO C 277 -38.54 13.57 -22.11
N GLU C 278 -39.72 13.15 -22.64
CA GLU C 278 -41.01 13.41 -22.00
C GLU C 278 -41.21 12.56 -20.74
N LEU C 279 -40.88 11.25 -20.79
CA LEU C 279 -41.02 10.36 -19.63
C LEU C 279 -40.12 10.82 -18.47
N VAL C 280 -38.89 11.24 -18.79
CA VAL C 280 -37.91 11.76 -17.84
C VAL C 280 -38.44 13.03 -17.20
N ARG C 281 -38.91 13.99 -18.04
CA ARG C 281 -39.49 15.25 -17.57
C ARG C 281 -40.70 14.97 -16.64
N LYS C 282 -41.57 14.03 -17.03
CA LYS C 282 -42.75 13.65 -16.25
C LYS C 282 -42.38 13.06 -14.91
N HIS C 283 -41.41 12.12 -14.87
CA HIS C 283 -40.92 11.52 -13.62
C HIS C 283 -40.33 12.54 -12.67
N ILE C 284 -39.57 13.51 -13.19
CA ILE C 284 -38.95 14.59 -12.41
C ILE C 284 -40.06 15.48 -11.79
N GLU C 285 -41.00 15.99 -12.63
CA GLU C 285 -42.13 16.84 -12.22
C GLU C 285 -43.00 16.15 -11.15
N GLU C 286 -43.48 14.91 -11.44
CA GLU C 286 -44.29 14.13 -10.49
C GLU C 286 -43.58 14.01 -9.15
N PHE C 287 -42.24 13.84 -9.17
CA PHE C 287 -41.42 13.72 -7.96
C PHE C 287 -41.35 15.04 -7.17
N ILE C 288 -41.07 16.16 -7.84
CA ILE C 288 -40.96 17.46 -7.17
C ILE C 288 -42.31 17.96 -6.66
N LEU C 289 -43.35 17.89 -7.51
CA LEU C 289 -44.67 18.41 -7.21
C LEU C 289 -45.57 17.50 -6.34
N LYS C 290 -45.18 16.23 -6.13
CA LYS C 290 -45.97 15.32 -5.29
C LYS C 290 -45.19 14.94 -4.01
N SER C 291 -45.40 15.73 -2.93
CA SER C 291 -44.76 15.54 -1.63
C SER C 291 -45.80 15.19 -0.56
N GLU D 3 18.62 -37.10 -18.13
CA GLU D 3 18.47 -35.73 -18.63
C GLU D 3 18.23 -34.75 -17.46
N MET D 4 18.92 -33.59 -17.48
CA MET D 4 18.84 -32.56 -16.43
C MET D 4 18.56 -31.17 -16.98
N LEU D 5 17.86 -30.33 -16.20
CA LEU D 5 17.58 -28.92 -16.54
C LEU D 5 18.75 -28.07 -16.02
N LYS D 6 19.40 -27.32 -16.92
CA LYS D 6 20.54 -26.47 -16.60
CA LYS D 6 20.53 -26.46 -16.56
C LYS D 6 20.22 -24.98 -16.77
N HIS D 7 20.69 -24.15 -15.86
CA HIS D 7 20.51 -22.71 -15.86
C HIS D 7 21.77 -22.11 -16.45
N GLU D 8 21.62 -21.23 -17.44
CA GLU D 8 22.75 -20.57 -18.10
C GLU D 8 22.48 -19.10 -18.30
N TYR D 9 23.55 -18.34 -18.56
CA TYR D 9 23.51 -16.89 -18.85
C TYR D 9 24.36 -16.66 -20.09
N VAL D 10 23.91 -15.76 -20.98
CA VAL D 10 24.62 -15.44 -22.22
C VAL D 10 24.38 -13.97 -22.60
N LYS D 11 25.43 -13.28 -23.09
CA LYS D 11 25.30 -11.88 -23.48
C LYS D 11 24.79 -11.79 -24.92
N VAL D 12 23.65 -11.08 -25.11
CA VAL D 12 22.98 -10.90 -26.42
C VAL D 12 22.56 -9.42 -26.57
N ASN D 13 22.84 -8.77 -27.71
CA ASN D 13 22.34 -7.39 -27.96
C ASN D 13 22.59 -6.37 -26.79
N GLY D 14 23.72 -6.52 -26.10
CA GLY D 14 24.09 -5.65 -24.98
C GLY D 14 23.54 -6.03 -23.61
N ILE D 15 22.69 -7.08 -23.53
CA ILE D 15 22.10 -7.52 -22.27
C ILE D 15 22.46 -8.97 -21.97
N LYS D 16 22.64 -9.27 -20.68
CA LYS D 16 22.90 -10.63 -20.23
C LYS D 16 21.53 -11.29 -20.06
N MET D 17 21.35 -12.42 -20.70
CA MET D 17 20.09 -13.14 -20.72
C MET D 17 20.20 -14.47 -19.99
N HIS D 18 19.27 -14.73 -19.08
CA HIS D 18 19.24 -15.99 -18.36
C HIS D 18 18.28 -16.91 -19.07
N TYR D 19 18.60 -18.21 -19.09
CA TYR D 19 17.74 -19.23 -19.67
C TYR D 19 17.96 -20.56 -18.99
N VAL D 20 16.97 -21.43 -19.12
CA VAL D 20 17.07 -22.81 -18.70
C VAL D 20 17.11 -23.64 -19.97
N THR D 21 17.86 -24.76 -19.96
CA THR D 21 17.98 -25.62 -21.14
C THR D 21 18.04 -27.08 -20.76
N GLN D 22 17.41 -27.92 -21.58
CA GLN D 22 17.33 -29.36 -21.40
C GLN D 22 17.14 -30.02 -22.78
N GLY D 23 17.90 -31.07 -23.05
CA GLY D 23 17.80 -31.83 -24.30
C GLY D 23 18.82 -31.47 -25.36
N LYS D 24 18.80 -32.25 -26.45
CA LYS D 24 19.69 -32.09 -27.61
C LYS D 24 18.90 -32.28 -28.91
N GLY D 25 19.41 -31.69 -29.98
CA GLY D 25 18.79 -31.74 -31.30
C GLY D 25 18.57 -30.36 -31.88
N LYS D 26 17.44 -30.18 -32.57
CA LYS D 26 17.06 -28.88 -33.16
C LYS D 26 16.82 -27.89 -32.04
N LEU D 27 17.30 -26.65 -32.18
CA LEU D 27 17.08 -25.59 -31.20
C LEU D 27 15.59 -25.23 -31.17
N LEU D 28 14.97 -25.37 -29.99
CA LEU D 28 13.57 -25.06 -29.76
C LEU D 28 13.47 -24.00 -28.66
N LEU D 29 13.03 -22.78 -29.02
CA LEU D 29 12.86 -21.66 -28.08
C LEU D 29 11.44 -21.59 -27.58
N LEU D 30 11.29 -21.44 -26.24
CA LEU D 30 9.98 -21.29 -25.60
C LEU D 30 10.02 -19.91 -24.94
N LEU D 31 9.15 -19.00 -25.41
CA LEU D 31 9.11 -17.61 -24.95
C LEU D 31 7.84 -17.30 -24.18
N HIS D 32 8.01 -16.92 -22.90
CA HIS D 32 6.94 -16.56 -21.96
C HIS D 32 6.42 -15.14 -22.21
N GLY D 33 5.40 -14.76 -21.44
CA GLY D 33 4.82 -13.43 -21.46
C GLY D 33 4.65 -12.86 -20.06
N PHE D 34 3.64 -11.99 -19.91
CA PHE D 34 3.32 -11.34 -18.64
C PHE D 34 2.22 -12.10 -17.87
N PRO D 35 2.34 -12.31 -16.54
CA PRO D 35 3.45 -11.96 -15.63
C PRO D 35 4.29 -13.21 -15.34
N ASP D 36 4.83 -13.83 -16.39
CA ASP D 36 5.56 -15.08 -16.23
C ASP D 36 7.06 -14.94 -16.34
N PHE D 37 7.75 -16.05 -16.57
CA PHE D 37 9.18 -16.19 -16.79
C PHE D 37 9.39 -17.61 -17.33
N TRP D 38 10.63 -18.10 -17.48
CA TRP D 38 10.85 -19.44 -18.04
C TRP D 38 9.98 -20.53 -17.41
N TYR D 39 9.66 -20.38 -16.11
CA TYR D 39 8.93 -21.35 -15.29
C TYR D 39 7.55 -21.67 -15.80
N VAL D 40 6.93 -20.79 -16.63
CA VAL D 40 5.61 -21.05 -17.22
C VAL D 40 5.66 -22.30 -18.13
N TRP D 41 6.86 -22.67 -18.60
CA TRP D 41 7.10 -23.79 -19.51
C TRP D 41 7.46 -25.11 -18.80
N ARG D 42 7.36 -25.15 -17.44
CA ARG D 42 7.69 -26.29 -16.57
C ARG D 42 7.09 -27.64 -17.04
N PHE D 43 5.86 -27.66 -17.55
CA PHE D 43 5.22 -28.89 -18.00
C PHE D 43 5.62 -29.34 -19.42
N GLN D 44 6.25 -28.46 -20.20
CA GLN D 44 6.66 -28.79 -21.57
C GLN D 44 8.15 -29.08 -21.70
N ILE D 45 8.99 -28.40 -20.91
CA ILE D 45 10.45 -28.53 -21.02
C ILE D 45 10.92 -30.01 -20.96
N PRO D 46 10.65 -30.84 -19.92
CA PRO D 46 11.18 -32.22 -19.94
C PRO D 46 10.64 -33.12 -21.05
N ALA D 47 9.37 -32.97 -21.47
CA ALA D 47 8.78 -33.79 -22.54
C ALA D 47 9.33 -33.42 -23.92
N LEU D 48 9.52 -32.12 -24.18
CA LEU D 48 10.07 -31.66 -25.45
C LEU D 48 11.58 -31.85 -25.50
N ALA D 49 12.26 -32.04 -24.35
CA ALA D 49 13.72 -32.26 -24.27
C ALA D 49 14.13 -33.66 -24.74
N LYS D 50 13.12 -34.52 -24.94
CA LYS D 50 13.26 -35.89 -25.42
C LYS D 50 13.65 -35.91 -26.90
N HIS D 51 13.28 -34.85 -27.66
CA HIS D 51 13.51 -34.73 -29.11
C HIS D 51 14.28 -33.48 -29.51
N PHE D 52 14.23 -32.41 -28.70
CA PHE D 52 14.87 -31.15 -29.10
C PHE D 52 15.76 -30.56 -28.02
N ARG D 53 16.62 -29.60 -28.44
CA ARG D 53 17.49 -28.83 -27.56
C ARG D 53 16.58 -27.64 -27.12
N VAL D 54 15.83 -27.86 -26.03
CA VAL D 54 14.88 -26.88 -25.47
C VAL D 54 15.62 -25.75 -24.76
N VAL D 55 15.27 -24.50 -25.10
CA VAL D 55 15.82 -23.29 -24.48
C VAL D 55 14.65 -22.37 -24.11
N ALA D 56 14.45 -22.11 -22.78
CA ALA D 56 13.39 -21.24 -22.29
C ALA D 56 14.04 -20.05 -21.58
N PRO D 57 14.16 -18.88 -22.25
CA PRO D 57 14.80 -17.74 -21.59
C PRO D 57 13.85 -16.85 -20.79
N ASP D 58 14.43 -15.96 -19.99
CA ASP D 58 13.70 -14.91 -19.29
C ASP D 58 13.91 -13.74 -20.24
N LEU D 59 12.81 -13.12 -20.70
CA LEU D 59 12.89 -12.00 -21.64
C LEU D 59 13.53 -10.80 -20.97
N ARG D 60 13.97 -9.82 -21.75
CA ARG D 60 14.54 -8.57 -21.24
C ARG D 60 13.63 -8.01 -20.14
N GLY D 61 14.25 -7.72 -18.99
CA GLY D 61 13.56 -7.14 -17.85
C GLY D 61 12.92 -8.13 -16.88
N TYR D 62 12.94 -9.43 -17.20
CA TYR D 62 12.29 -10.44 -16.36
C TYR D 62 13.27 -11.27 -15.56
N ASN D 63 12.81 -11.67 -14.35
CA ASN D 63 13.49 -12.57 -13.41
C ASN D 63 15.01 -12.37 -13.34
N GLU D 64 15.79 -13.28 -13.93
CA GLU D 64 17.26 -13.28 -13.86
C GLU D 64 17.97 -12.57 -15.02
N THR D 65 17.22 -12.11 -16.04
CA THR D 65 17.76 -11.42 -17.21
C THR D 65 17.97 -9.93 -16.87
N ASP D 66 18.89 -9.24 -17.56
CA ASP D 66 19.17 -7.81 -17.38
C ASP D 66 17.92 -6.96 -17.61
N LYS D 67 17.83 -5.87 -16.84
CA LYS D 67 16.69 -4.98 -16.84
C LYS D 67 17.09 -3.54 -17.16
N PRO D 68 17.39 -3.20 -18.44
CA PRO D 68 17.75 -1.80 -18.74
C PRO D 68 16.64 -0.83 -18.33
N GLU D 69 17.03 0.38 -17.93
CA GLU D 69 16.06 1.38 -17.50
C GLU D 69 15.55 2.19 -18.69
N GLY D 70 14.30 2.61 -18.60
CA GLY D 70 13.66 3.39 -19.64
C GLY D 70 12.73 2.59 -20.53
N VAL D 71 11.54 3.16 -20.78
CA VAL D 71 10.45 2.63 -21.61
C VAL D 71 10.94 2.29 -23.04
N GLU D 72 11.78 3.16 -23.63
CA GLU D 72 12.31 2.99 -24.99
C GLU D 72 13.16 1.71 -25.16
N ASN D 73 13.66 1.14 -24.07
CA ASN D 73 14.44 -0.11 -24.10
C ASN D 73 13.58 -1.35 -24.17
N TYR D 74 12.24 -1.18 -24.32
CA TYR D 74 11.28 -2.28 -24.31
C TYR D 74 10.43 -2.30 -25.56
N ARG D 75 10.89 -1.58 -26.59
CA ARG D 75 10.23 -1.55 -27.90
CA ARG D 75 10.21 -1.55 -27.89
C ARG D 75 10.35 -2.93 -28.52
N LEU D 76 9.29 -3.42 -29.20
CA LEU D 76 9.27 -4.73 -29.86
C LEU D 76 10.49 -5.04 -30.74
N ASP D 77 10.98 -4.03 -31.48
CA ASP D 77 12.16 -4.18 -32.35
CA ASP D 77 12.15 -4.20 -32.35
C ASP D 77 13.38 -4.68 -31.56
N LEU D 78 13.64 -4.09 -30.39
CA LEU D 78 14.75 -4.50 -29.54
C LEU D 78 14.52 -5.88 -28.91
N LEU D 79 13.27 -6.19 -28.56
CA LEU D 79 12.91 -7.47 -27.96
C LEU D 79 13.07 -8.63 -28.94
N ALA D 80 12.72 -8.40 -30.25
CA ALA D 80 12.88 -9.38 -31.32
C ALA D 80 14.39 -9.56 -31.60
N LYS D 81 15.17 -8.45 -31.52
CA LYS D 81 16.63 -8.48 -31.71
C LYS D 81 17.35 -9.25 -30.62
N ASP D 82 16.79 -9.31 -29.38
CA ASP D 82 17.36 -10.10 -28.27
C ASP D 82 17.27 -11.57 -28.60
N ILE D 83 16.14 -12.00 -29.17
CA ILE D 83 15.86 -13.39 -29.55
C ILE D 83 16.73 -13.81 -30.74
N LEU D 84 16.83 -12.92 -31.75
CA LEU D 84 17.70 -13.13 -32.92
C LEU D 84 19.14 -13.34 -32.39
N GLY D 85 19.57 -12.45 -31.49
CA GLY D 85 20.87 -12.48 -30.83
C GLY D 85 21.09 -13.76 -30.03
N LEU D 86 20.03 -14.25 -29.37
CA LEU D 86 20.04 -15.49 -28.60
C LEU D 86 20.30 -16.71 -29.50
N ILE D 87 19.61 -16.77 -30.64
CA ILE D 87 19.78 -17.86 -31.64
C ILE D 87 21.26 -17.94 -32.03
N LYS D 88 21.88 -16.78 -32.38
CA LYS D 88 23.26 -16.67 -32.79
C LYS D 88 24.21 -17.10 -31.67
N ALA D 89 24.02 -16.55 -30.44
CA ALA D 89 24.84 -16.85 -29.27
C ALA D 89 24.84 -18.35 -28.86
N LEU D 90 23.77 -19.08 -29.21
CA LEU D 90 23.61 -20.52 -28.97
C LEU D 90 24.23 -21.36 -30.11
N GLY D 91 24.94 -20.68 -31.02
CA GLY D 91 25.64 -21.29 -32.16
C GLY D 91 24.73 -21.86 -33.23
N GLU D 92 23.55 -21.25 -33.44
CA GLU D 92 22.62 -21.72 -34.46
C GLU D 92 22.33 -20.62 -35.50
N GLU D 93 21.77 -21.03 -36.66
CA GLU D 93 21.38 -20.13 -37.76
CA GLU D 93 21.39 -20.13 -37.75
C GLU D 93 19.89 -19.83 -37.64
N HIS D 94 19.13 -20.83 -37.17
CA HIS D 94 17.68 -20.74 -36.99
CA HIS D 94 17.68 -20.73 -36.99
C HIS D 94 17.23 -21.56 -35.77
N ALA D 95 15.95 -21.44 -35.40
CA ALA D 95 15.32 -22.15 -34.29
C ALA D 95 13.84 -22.32 -34.55
N VAL D 96 13.24 -23.33 -33.88
CA VAL D 96 11.78 -23.44 -33.88
C VAL D 96 11.39 -22.46 -32.74
N VAL D 97 10.53 -21.47 -33.03
CA VAL D 97 10.16 -20.47 -32.04
C VAL D 97 8.70 -20.64 -31.58
N VAL D 98 8.53 -20.86 -30.24
CA VAL D 98 7.23 -20.99 -29.58
C VAL D 98 7.09 -19.79 -28.64
N GLY D 99 6.04 -19.00 -28.84
CA GLY D 99 5.81 -17.82 -28.02
C GLY D 99 4.40 -17.70 -27.49
N HIS D 100 4.30 -17.41 -26.19
CA HIS D 100 3.03 -17.18 -25.48
C HIS D 100 2.92 -15.72 -25.06
N ASP D 101 1.75 -15.09 -25.27
CA ASP D 101 1.50 -13.72 -24.81
C ASP D 101 2.57 -12.76 -25.41
N TRP D 102 3.31 -11.97 -24.61
CA TRP D 102 4.38 -11.10 -25.12
C TRP D 102 5.43 -11.88 -25.89
N GLY D 103 5.71 -13.11 -25.45
CA GLY D 103 6.62 -14.04 -26.14
C GLY D 103 6.14 -14.33 -27.53
N GLY D 104 4.82 -14.42 -27.70
CA GLY D 104 4.17 -14.63 -28.99
C GLY D 104 4.23 -13.39 -29.86
N ILE D 105 4.01 -12.20 -29.27
CA ILE D 105 4.10 -10.92 -30.01
C ILE D 105 5.53 -10.74 -30.52
N ILE D 106 6.53 -11.07 -29.68
CA ILE D 106 7.94 -11.01 -30.07
C ILE D 106 8.22 -12.02 -31.20
N SER D 107 7.63 -13.23 -31.11
CA SER D 107 7.80 -14.31 -32.10
C SER D 107 7.21 -13.90 -33.45
N TRP D 108 6.00 -13.29 -33.48
CA TRP D 108 5.39 -12.82 -34.72
C TRP D 108 6.33 -11.80 -35.40
N THR D 109 6.89 -10.85 -34.59
CA THR D 109 7.79 -9.79 -35.04
C THR D 109 9.11 -10.37 -35.60
N LEU D 110 9.74 -11.32 -34.86
CA LEU D 110 10.99 -11.97 -35.26
C LEU D 110 10.79 -12.72 -36.58
N THR D 111 9.67 -13.48 -36.69
CA THR D 111 9.34 -14.28 -37.87
C THR D 111 9.06 -13.37 -39.07
N ALA D 112 8.38 -12.24 -38.88
CA ALA D 112 8.08 -11.35 -40.02
C ALA D 112 9.31 -10.59 -40.56
N PHE D 113 10.14 -10.06 -39.67
CA PHE D 113 11.32 -9.27 -40.05
C PHE D 113 12.61 -10.08 -40.27
N ASN D 114 12.68 -11.33 -39.76
CA ASN D 114 13.84 -12.21 -39.94
C ASN D 114 13.39 -13.65 -40.19
N PRO D 115 12.65 -13.94 -41.30
CA PRO D 115 12.16 -15.33 -41.47
C PRO D 115 13.24 -16.38 -41.63
N GLN D 116 14.42 -15.98 -42.08
CA GLN D 116 15.53 -16.91 -42.27
C GLN D 116 15.99 -17.55 -40.95
N ALA D 117 15.74 -16.86 -39.83
CA ALA D 117 16.13 -17.23 -38.49
C ALA D 117 15.09 -18.08 -37.77
N VAL D 118 13.95 -18.37 -38.41
CA VAL D 118 12.88 -19.13 -37.76
C VAL D 118 12.51 -20.30 -38.63
N GLU D 119 12.72 -21.53 -38.16
CA GLU D 119 12.38 -22.75 -38.90
C GLU D 119 10.86 -22.95 -38.93
N LYS D 120 10.25 -23.02 -37.74
CA LYS D 120 8.79 -23.11 -37.60
C LYS D 120 8.33 -22.13 -36.51
N LEU D 121 7.10 -21.59 -36.63
CA LEU D 121 6.55 -20.66 -35.64
C LEU D 121 5.36 -21.28 -34.92
N VAL D 122 5.36 -21.26 -33.58
CA VAL D 122 4.22 -21.71 -32.76
C VAL D 122 3.77 -20.52 -31.90
N ILE D 123 2.51 -20.13 -32.03
CA ILE D 123 1.92 -19.03 -31.25
C ILE D 123 0.85 -19.57 -30.28
N LEU D 124 0.93 -19.17 -28.99
CA LEU D 124 -0.07 -19.50 -27.96
C LEU D 124 -0.67 -18.21 -27.46
N ASN D 125 -1.98 -17.99 -27.69
CA ASN D 125 -2.77 -16.83 -27.22
C ASN D 125 -1.96 -15.52 -27.23
N ALA D 126 -1.55 -15.13 -28.45
CA ALA D 126 -0.79 -13.90 -28.68
C ALA D 126 -1.31 -13.35 -29.99
N PRO D 127 -1.99 -12.20 -29.98
CA PRO D 127 -2.50 -11.67 -31.24
C PRO D 127 -1.37 -11.17 -32.13
N HIS D 128 -1.56 -11.27 -33.45
CA HIS D 128 -0.64 -10.78 -34.45
C HIS D 128 -0.54 -9.25 -34.25
N PRO D 129 0.66 -8.65 -34.22
CA PRO D 129 0.73 -7.20 -34.01
C PRO D 129 -0.10 -6.36 -34.96
N LYS D 130 -0.19 -6.72 -36.26
CA LYS D 130 -0.99 -5.93 -37.18
C LYS D 130 -2.48 -6.09 -36.91
N ALA D 131 -2.96 -7.29 -36.54
CA ALA D 131 -4.36 -7.48 -36.17
C ALA D 131 -4.75 -6.54 -34.99
N TYR D 132 -3.97 -6.56 -33.87
CA TYR D 132 -4.23 -5.73 -32.69
CA TYR D 132 -4.31 -5.73 -32.71
C TYR D 132 -4.18 -4.25 -33.02
N MET D 133 -3.14 -3.83 -33.78
CA MET D 133 -2.95 -2.41 -34.13
CA MET D 133 -2.99 -2.42 -34.11
C MET D 133 -4.08 -1.86 -35.01
N THR D 134 -4.62 -2.70 -35.89
CA THR D 134 -5.68 -2.31 -36.82
C THR D 134 -7.07 -2.39 -36.19
N ARG D 135 -7.39 -3.53 -35.56
CA ARG D 135 -8.72 -3.85 -35.05
C ARG D 135 -9.11 -3.29 -33.66
N THR D 136 -8.15 -3.18 -32.71
CA THR D 136 -8.46 -2.75 -31.32
C THR D 136 -9.26 -1.46 -31.27
N LYS D 137 -8.77 -0.37 -31.89
CA LYS D 137 -9.45 0.93 -31.92
C LYS D 137 -10.91 0.86 -32.47
N ASN D 138 -11.22 -0.20 -33.24
CA ASN D 138 -12.53 -0.43 -33.87
C ASN D 138 -13.37 -1.48 -33.11
N SER D 139 -12.84 -2.01 -32.00
CA SER D 139 -13.56 -3.01 -31.21
C SER D 139 -13.75 -2.51 -29.77
N LEU D 140 -15.00 -2.11 -29.44
CA LEU D 140 -15.33 -1.66 -28.09
C LEU D 140 -15.04 -2.77 -27.09
N ARG D 141 -15.44 -4.01 -27.43
CA ARG D 141 -15.21 -5.17 -26.61
CA ARG D 141 -15.21 -5.17 -26.58
C ARG D 141 -13.72 -5.40 -26.34
N GLN D 142 -12.85 -5.18 -27.36
CA GLN D 142 -11.40 -5.36 -27.15
C GLN D 142 -10.82 -4.22 -26.30
N LEU D 143 -11.25 -2.96 -26.57
CA LEU D 143 -10.81 -1.78 -25.80
C LEU D 143 -11.17 -1.99 -24.33
N GLN D 144 -12.37 -2.54 -24.06
CA GLN D 144 -12.84 -2.85 -22.72
C GLN D 144 -11.96 -3.93 -22.07
N LYS D 145 -11.67 -5.04 -22.79
CA LYS D 145 -10.80 -6.13 -22.30
C LYS D 145 -9.40 -5.61 -21.99
N SER D 146 -8.96 -4.60 -22.74
CA SER D 146 -7.64 -3.97 -22.59
C SER D 146 -7.63 -2.77 -21.63
N TRP D 147 -8.59 -2.70 -20.68
CA TRP D 147 -8.62 -1.64 -19.66
C TRP D 147 -7.29 -1.50 -18.93
N TYR D 148 -6.66 -2.64 -18.59
CA TYR D 148 -5.41 -2.71 -17.83
C TYR D 148 -4.21 -2.24 -18.62
N VAL D 149 -4.26 -2.32 -19.97
CA VAL D 149 -3.21 -1.82 -20.85
C VAL D 149 -3.12 -0.29 -20.65
N PHE D 150 -4.29 0.37 -20.56
CA PHE D 150 -4.41 1.80 -20.29
C PHE D 150 -3.97 2.11 -18.87
N PHE D 151 -4.37 1.25 -17.90
CA PHE D 151 -3.97 1.38 -16.49
C PHE D 151 -2.43 1.36 -16.38
N PHE D 152 -1.78 0.41 -17.07
CA PHE D 152 -0.30 0.25 -17.02
C PHE D 152 0.51 1.42 -17.60
N GLN D 153 -0.13 2.35 -18.35
CA GLN D 153 0.52 3.53 -18.95
C GLN D 153 1.02 4.50 -17.90
N VAL D 154 0.29 4.63 -16.80
CA VAL D 154 0.59 5.52 -15.67
C VAL D 154 1.89 5.09 -14.98
N ALA D 155 2.76 6.07 -14.67
CA ALA D 155 4.03 5.80 -13.99
C ALA D 155 3.79 5.55 -12.50
N ASN D 156 4.57 4.59 -11.94
CA ASN D 156 4.70 4.21 -10.53
C ASN D 156 3.47 3.63 -9.82
N ILE D 157 2.28 4.21 -10.05
CA ILE D 157 1.03 3.78 -9.40
C ILE D 157 0.71 2.29 -9.74
N PRO D 158 0.74 1.80 -11.03
CA PRO D 158 0.47 0.37 -11.27
C PRO D 158 1.48 -0.54 -10.57
N GLU D 159 2.77 -0.17 -10.54
CA GLU D 159 3.80 -0.94 -9.83
C GLU D 159 3.45 -1.11 -8.36
N LYS D 160 3.08 0.00 -7.72
CA LYS D 160 2.65 0.05 -6.33
C LYS D 160 1.40 -0.84 -6.08
N ILE D 161 0.35 -0.68 -6.88
CA ILE D 161 -0.89 -1.45 -6.75
C ILE D 161 -0.67 -2.95 -6.95
N LEU D 162 0.11 -3.31 -7.99
CA LEU D 162 0.38 -4.71 -8.33
C LEU D 162 1.26 -5.45 -7.32
N SER D 163 2.30 -4.77 -6.77
CA SER D 163 3.26 -5.38 -5.83
C SER D 163 2.85 -5.40 -4.35
N ARG D 164 2.08 -4.38 -3.88
CA ARG D 164 1.63 -4.29 -2.48
CA ARG D 164 1.64 -4.29 -2.47
C ARG D 164 0.99 -5.59 -1.98
N ASN D 165 1.11 -5.88 -0.66
CA ASN D 165 0.54 -7.07 0.01
C ASN D 165 1.00 -8.38 -0.67
N GLU D 166 2.32 -8.48 -0.90
CA GLU D 166 2.96 -9.65 -1.53
C GLU D 166 2.33 -10.00 -2.90
N PHE D 167 2.11 -8.95 -3.76
CA PHE D 167 1.54 -9.08 -5.11
C PHE D 167 0.15 -9.70 -5.12
N ALA D 168 -0.69 -9.33 -4.13
CA ALA D 168 -2.05 -9.87 -4.01
C ALA D 168 -2.92 -9.54 -5.23
N PHE D 169 -2.81 -8.30 -5.75
CA PHE D 169 -3.57 -7.85 -6.93
C PHE D 169 -3.18 -8.71 -8.14
N LEU D 170 -1.87 -8.93 -8.33
CA LEU D 170 -1.32 -9.74 -9.40
C LEU D 170 -1.74 -11.21 -9.29
N LYS D 171 -1.64 -11.80 -8.07
CA LYS D 171 -2.07 -13.18 -7.78
C LYS D 171 -3.55 -13.36 -8.14
N ASN D 172 -4.41 -12.43 -7.69
CA ASN D 172 -5.85 -12.45 -7.95
C ASN D 172 -6.18 -12.36 -9.44
N MET D 173 -5.56 -11.37 -10.15
CA MET D 173 -5.79 -11.20 -11.60
C MET D 173 -5.34 -12.43 -12.38
N LEU D 174 -4.29 -13.12 -11.89
CA LEU D 174 -3.76 -14.35 -12.49
C LEU D 174 -4.77 -15.50 -12.27
N ILE D 175 -5.18 -15.75 -11.00
CA ILE D 175 -6.15 -16.79 -10.60
C ILE D 175 -7.50 -16.63 -11.34
N GLN D 176 -7.98 -15.39 -11.50
CA GLN D 176 -9.23 -15.05 -12.22
C GLN D 176 -9.18 -15.41 -13.72
N SER D 177 -7.96 -15.47 -14.28
CA SER D 177 -7.73 -15.74 -15.70
C SER D 177 -7.72 -17.23 -16.05
N PHE D 178 -7.58 -18.10 -15.04
CA PHE D 178 -7.57 -19.54 -15.21
C PHE D 178 -8.97 -20.13 -15.27
N VAL D 179 -9.14 -21.20 -16.08
CA VAL D 179 -10.43 -21.90 -16.18
C VAL D 179 -10.45 -23.12 -15.21
N ARG D 180 -9.37 -23.31 -14.42
CA ARG D 180 -9.20 -24.36 -13.41
C ARG D 180 -9.02 -23.71 -12.03
N ARG D 181 -9.53 -24.38 -10.98
CA ARG D 181 -9.49 -23.88 -9.60
C ARG D 181 -8.09 -23.96 -8.98
N ASP D 182 -7.62 -25.18 -8.64
CA ASP D 182 -6.32 -25.39 -8.01
C ASP D 182 -5.18 -25.62 -9.01
N LEU D 183 -5.01 -24.68 -9.97
CA LEU D 183 -3.94 -24.75 -10.98
C LEU D 183 -2.57 -24.48 -10.35
N LEU D 184 -2.38 -23.29 -9.74
CA LEU D 184 -1.13 -22.91 -9.08
C LEU D 184 -1.09 -23.39 -7.63
N THR D 185 0.00 -24.07 -7.26
CA THR D 185 0.18 -24.56 -5.90
C THR D 185 0.78 -23.43 -5.05
N GLU D 186 0.85 -23.66 -3.71
CA GLU D 186 1.41 -22.71 -2.74
CA GLU D 186 1.41 -22.71 -2.74
C GLU D 186 2.90 -22.51 -3.03
N GLU D 187 3.59 -23.58 -3.51
CA GLU D 187 5.01 -23.54 -3.86
CA GLU D 187 5.01 -23.55 -3.87
C GLU D 187 5.17 -22.72 -5.15
N ASP D 188 4.28 -22.95 -6.16
CA ASP D 188 4.29 -22.24 -7.45
C ASP D 188 4.23 -20.74 -7.21
N LEU D 189 3.25 -20.31 -6.37
CA LEU D 189 3.04 -18.92 -6.02
C LEU D 189 4.25 -18.30 -5.34
N ARG D 190 5.00 -19.09 -4.56
CA ARG D 190 6.20 -18.61 -3.87
CA ARG D 190 6.20 -18.59 -3.88
C ARG D 190 7.32 -18.40 -4.90
N ILE D 191 7.38 -19.30 -5.92
CA ILE D 191 8.36 -19.24 -7.01
C ILE D 191 8.06 -17.99 -7.90
N TYR D 192 6.76 -17.75 -8.23
CA TYR D 192 6.32 -16.58 -9.00
C TYR D 192 6.65 -15.28 -8.27
N VAL D 193 6.34 -15.21 -6.95
CA VAL D 193 6.63 -14.02 -6.12
C VAL D 193 8.11 -13.71 -6.12
N ASP D 194 8.96 -14.74 -6.04
CA ASP D 194 10.42 -14.56 -6.07
C ASP D 194 10.83 -13.84 -7.36
N ALA D 195 10.34 -14.35 -8.52
CA ALA D 195 10.61 -13.79 -9.85
C ALA D 195 10.04 -12.38 -9.99
N TRP D 196 8.80 -12.17 -9.49
CA TRP D 196 8.11 -10.88 -9.53
C TRP D 196 8.85 -9.83 -8.73
N SER D 197 9.45 -10.24 -7.59
CA SER D 197 10.14 -9.39 -6.61
C SER D 197 11.51 -8.89 -7.04
N LYS D 198 12.11 -9.47 -8.10
CA LYS D 198 13.44 -9.07 -8.55
C LYS D 198 13.46 -7.57 -8.79
N SER D 199 14.49 -6.91 -8.28
CA SER D 199 14.66 -5.46 -8.36
C SER D 199 14.52 -4.95 -9.81
N GLY D 200 13.48 -4.16 -10.03
CA GLY D 200 13.18 -3.55 -11.33
C GLY D 200 12.40 -4.40 -12.31
N ALA D 201 12.03 -5.64 -11.94
CA ALA D 201 11.31 -6.59 -12.80
C ALA D 201 9.91 -6.12 -13.19
N LEU D 202 9.13 -5.61 -12.21
CA LEU D 202 7.76 -5.17 -12.46
C LEU D 202 7.70 -3.96 -13.35
N THR D 203 8.56 -2.95 -13.11
CA THR D 203 8.59 -1.76 -13.96
C THR D 203 8.94 -2.14 -15.40
N SER D 204 9.95 -3.03 -15.56
CA SER D 204 10.43 -3.51 -16.86
C SER D 204 9.33 -4.24 -17.62
N ALA D 205 8.61 -5.16 -16.93
CA ALA D 205 7.47 -5.91 -17.47
C ALA D 205 6.36 -4.95 -17.93
N LEU D 206 6.09 -3.89 -17.14
CA LEU D 206 5.06 -2.90 -17.47
C LEU D 206 5.52 -2.00 -18.62
N ASN D 207 6.85 -1.81 -18.79
CA ASN D 207 7.40 -1.00 -19.88
C ASN D 207 7.09 -1.57 -21.26
N TYR D 208 6.75 -2.89 -21.36
CA TYR D 208 6.35 -3.50 -22.63
C TYR D 208 5.06 -2.85 -23.13
N TYR D 209 4.12 -2.56 -22.20
CA TYR D 209 2.84 -1.93 -22.51
C TYR D 209 3.02 -0.45 -22.83
N ARG D 210 3.90 0.23 -22.08
CA ARG D 210 4.20 1.66 -22.23
C ARG D 210 4.87 1.93 -23.56
N ALA D 211 5.77 1.03 -24.00
CA ALA D 211 6.51 1.17 -25.24
C ALA D 211 5.75 0.74 -26.48
N ASN D 212 4.95 -0.34 -26.38
CA ASN D 212 4.29 -0.92 -27.55
C ASN D 212 2.80 -0.82 -27.61
N LEU D 213 2.14 -0.47 -26.51
CA LEU D 213 0.69 -0.46 -26.52
C LEU D 213 0.13 0.83 -25.90
N ASN D 214 0.91 1.93 -25.99
CA ASN D 214 0.47 3.23 -25.49
C ASN D 214 -0.69 3.75 -26.36
N PRO D 215 -1.46 4.78 -25.91
CA PRO D 215 -2.63 5.22 -26.72
C PRO D 215 -2.30 5.76 -28.13
N ASP D 216 -1.10 6.33 -28.31
CA ASP D 216 -0.64 6.82 -29.61
C ASP D 216 -0.57 5.68 -30.63
N ILE D 217 -0.05 4.52 -30.21
CA ILE D 217 0.06 3.33 -31.05
C ILE D 217 -1.34 2.74 -31.30
N ILE D 218 -2.15 2.53 -30.22
CA ILE D 218 -3.50 1.97 -30.37
C ILE D 218 -4.39 2.81 -31.31
N PHE D 219 -4.37 4.12 -31.13
CA PHE D 219 -5.22 5.00 -31.93
C PHE D 219 -4.47 5.68 -33.09
N SER D 220 -3.34 5.10 -33.52
CA SER D 220 -2.56 5.62 -34.67
C SER D 220 -3.39 5.62 -35.94
N GLU D 221 -3.26 6.71 -36.69
CA GLU D 221 -3.94 6.90 -37.96
C GLU D 221 -3.10 6.27 -39.08
N LYS D 222 -1.77 6.12 -38.83
CA LYS D 222 -0.79 5.53 -39.75
C LYS D 222 -0.98 4.02 -39.82
N THR D 223 -0.91 3.48 -41.03
CA THR D 223 -1.01 2.04 -41.24
C THR D 223 0.32 1.38 -40.85
N VAL D 224 0.27 0.11 -40.41
CA VAL D 224 1.44 -0.60 -39.93
C VAL D 224 2.17 -1.33 -41.05
N VAL D 225 3.51 -1.12 -41.12
CA VAL D 225 4.40 -1.80 -42.07
C VAL D 225 4.80 -3.11 -41.39
N PHE D 226 4.20 -4.23 -41.84
CA PHE D 226 4.47 -5.54 -41.24
C PHE D 226 4.49 -6.63 -42.30
N PRO D 227 5.68 -7.21 -42.59
CA PRO D 227 5.77 -8.25 -43.64
C PRO D 227 4.91 -9.48 -43.34
N LYS D 228 4.44 -10.17 -44.41
CA LYS D 228 3.65 -11.40 -44.27
C LYS D 228 4.50 -12.50 -43.63
N ILE D 229 3.87 -13.45 -42.93
CA ILE D 229 4.61 -14.57 -42.30
C ILE D 229 4.90 -15.54 -43.41
N LYS D 230 6.18 -15.92 -43.55
CA LYS D 230 6.69 -16.78 -44.63
C LYS D 230 7.23 -18.06 -44.09
N VAL D 231 6.87 -18.37 -42.84
CA VAL D 231 7.36 -19.56 -42.14
C VAL D 231 6.15 -20.42 -41.76
N PRO D 232 6.15 -21.77 -41.95
CA PRO D 232 4.96 -22.57 -41.56
C PRO D 232 4.60 -22.25 -40.10
N THR D 233 3.31 -21.93 -39.85
CA THR D 233 2.79 -21.49 -38.55
C THR D 233 1.67 -22.36 -37.97
N LEU D 234 1.76 -22.62 -36.64
CA LEU D 234 0.75 -23.28 -35.81
C LEU D 234 0.28 -22.28 -34.74
N VAL D 235 -1.04 -22.03 -34.66
CA VAL D 235 -1.61 -21.16 -33.63
C VAL D 235 -2.43 -22.03 -32.66
N ILE D 236 -2.08 -22.00 -31.37
CA ILE D 236 -2.77 -22.71 -30.29
C ILE D 236 -3.56 -21.62 -29.56
N TRP D 237 -4.88 -21.79 -29.45
CA TRP D 237 -5.71 -20.75 -28.86
C TRP D 237 -6.77 -21.23 -27.86
N GLY D 238 -6.64 -20.78 -26.62
CA GLY D 238 -7.61 -21.04 -25.55
C GLY D 238 -8.70 -20.01 -25.72
N GLU D 239 -9.88 -20.45 -26.16
CA GLU D 239 -11.03 -19.62 -26.49
C GLU D 239 -11.61 -18.78 -25.33
N LYS D 240 -11.44 -19.24 -24.07
CA LYS D 240 -11.95 -18.54 -22.89
C LYS D 240 -10.94 -17.48 -22.37
N ASP D 241 -10.21 -16.80 -23.30
CA ASP D 241 -9.23 -15.75 -23.00
C ASP D 241 -9.95 -14.46 -22.65
N VAL D 242 -9.73 -14.00 -21.43
CA VAL D 242 -10.36 -12.78 -20.94
C VAL D 242 -9.74 -11.51 -21.55
N ALA D 243 -8.42 -11.55 -21.83
CA ALA D 243 -7.64 -10.42 -22.32
C ALA D 243 -7.82 -10.17 -23.81
N ILE D 244 -8.13 -11.24 -24.59
CA ILE D 244 -8.21 -11.15 -26.04
C ILE D 244 -9.56 -11.58 -26.60
N SER D 245 -10.20 -10.66 -27.36
CA SER D 245 -11.46 -10.86 -28.11
C SER D 245 -11.21 -11.72 -29.33
N LYS D 246 -12.23 -12.53 -29.75
CA LYS D 246 -12.20 -13.42 -30.92
CA LYS D 246 -12.13 -13.42 -30.92
C LYS D 246 -11.96 -12.62 -32.21
N ASP D 247 -12.38 -11.33 -32.20
CA ASP D 247 -12.27 -10.36 -33.28
C ASP D 247 -10.81 -10.19 -33.74
N LEU D 248 -9.85 -10.36 -32.83
CA LEU D 248 -8.41 -10.17 -33.05
C LEU D 248 -7.65 -11.42 -33.50
N ILE D 249 -8.33 -12.56 -33.51
CA ILE D 249 -7.73 -13.85 -33.84
C ILE D 249 -8.28 -14.41 -35.18
N VAL D 250 -9.46 -13.93 -35.61
CA VAL D 250 -10.06 -14.39 -36.86
C VAL D 250 -9.34 -13.77 -38.07
N ASN D 251 -9.42 -14.47 -39.22
CA ASN D 251 -8.87 -13.99 -40.49
C ASN D 251 -7.36 -13.67 -40.44
N MET D 252 -6.56 -14.67 -40.03
CA MET D 252 -5.11 -14.58 -39.96
CA MET D 252 -5.11 -14.57 -39.94
C MET D 252 -4.47 -14.71 -41.32
N GLU D 253 -5.22 -15.27 -42.29
CA GLU D 253 -4.82 -15.51 -43.69
C GLU D 253 -4.22 -14.26 -44.34
N ASP D 254 -4.75 -13.08 -43.96
CA ASP D 254 -4.25 -11.80 -44.48
C ASP D 254 -2.82 -11.49 -44.03
N PHE D 255 -2.32 -12.23 -43.00
CA PHE D 255 -1.01 -11.99 -42.43
C PHE D 255 -0.01 -13.11 -42.63
N ILE D 256 -0.46 -14.32 -43.01
CA ILE D 256 0.40 -15.49 -43.17
C ILE D 256 0.33 -16.00 -44.62
N GLU D 257 1.48 -16.10 -45.31
CA GLU D 257 1.55 -16.60 -46.67
C GLU D 257 1.87 -18.11 -46.62
N ALA D 258 2.77 -18.53 -45.72
CA ALA D 258 3.19 -19.94 -45.59
C ALA D 258 2.06 -20.83 -45.04
N PRO D 259 2.11 -22.19 -45.12
CA PRO D 259 1.02 -23.00 -44.54
C PRO D 259 0.73 -22.61 -43.09
N TYR D 260 -0.56 -22.52 -42.77
CA TYR D 260 -1.03 -22.08 -41.47
C TYR D 260 -2.12 -23.02 -40.90
N SER D 261 -2.06 -23.30 -39.61
CA SER D 261 -3.03 -24.12 -38.91
C SER D 261 -3.35 -23.53 -37.54
N ILE D 262 -4.63 -23.55 -37.16
CA ILE D 262 -5.09 -23.04 -35.88
C ILE D 262 -5.83 -24.13 -35.11
N LYS D 263 -5.32 -24.43 -33.91
CA LYS D 263 -5.88 -25.41 -32.96
C LYS D 263 -6.60 -24.65 -31.85
N TYR D 264 -7.93 -24.73 -31.86
CA TYR D 264 -8.78 -24.08 -30.85
C TYR D 264 -8.96 -25.01 -29.64
N PHE D 265 -8.86 -24.43 -28.44
CA PHE D 265 -9.05 -25.10 -27.16
C PHE D 265 -10.25 -24.41 -26.49
N PRO D 266 -11.49 -24.84 -26.82
CA PRO D 266 -12.69 -24.14 -26.33
C PRO D 266 -12.90 -24.08 -24.82
N GLU D 267 -12.29 -25.04 -24.11
CA GLU D 267 -12.43 -25.13 -22.65
C GLU D 267 -11.20 -24.63 -21.88
N CYS D 268 -10.23 -24.03 -22.62
CA CYS D 268 -9.03 -23.42 -22.06
C CYS D 268 -9.13 -21.88 -22.19
N GLY D 269 -8.36 -21.18 -21.36
CA GLY D 269 -8.23 -19.72 -21.34
C GLY D 269 -6.87 -19.27 -21.86
N HIS D 270 -6.38 -18.13 -21.35
CA HIS D 270 -5.10 -17.55 -21.75
C HIS D 270 -3.90 -18.48 -21.53
N TRP D 271 -3.85 -19.22 -20.41
CA TRP D 271 -2.75 -20.13 -20.07
C TRP D 271 -3.02 -21.58 -20.49
N VAL D 272 -3.28 -21.76 -21.80
CA VAL D 272 -3.55 -23.04 -22.43
C VAL D 272 -2.43 -24.09 -22.16
N GLN D 273 -1.14 -23.66 -22.11
CA GLN D 273 -0.01 -24.57 -21.84
C GLN D 273 0.01 -25.10 -20.40
N LEU D 274 -0.69 -24.39 -19.49
CA LEU D 274 -0.82 -24.79 -18.09
C LEU D 274 -2.10 -25.62 -17.86
N GLU D 275 -3.15 -25.35 -18.64
CA GLU D 275 -4.44 -26.00 -18.49
C GLU D 275 -4.54 -27.34 -19.19
N GLU D 276 -3.93 -27.49 -20.39
CA GLU D 276 -3.87 -28.74 -21.13
C GLU D 276 -2.40 -28.96 -21.51
N PRO D 277 -1.49 -29.18 -20.54
CA PRO D 277 -0.06 -29.28 -20.86
C PRO D 277 0.34 -30.38 -21.83
N GLU D 278 -0.30 -31.58 -21.75
CA GLU D 278 0.02 -32.71 -22.63
C GLU D 278 -0.46 -32.51 -24.06
N LEU D 279 -1.70 -32.01 -24.24
CA LEU D 279 -2.26 -31.76 -25.57
C LEU D 279 -1.44 -30.68 -26.32
N VAL D 280 -1.03 -29.63 -25.60
CA VAL D 280 -0.22 -28.53 -26.10
C VAL D 280 1.15 -29.08 -26.52
N ARG D 281 1.79 -29.87 -25.65
CA ARG D 281 3.08 -30.49 -25.94
C ARG D 281 3.00 -31.39 -27.18
N LYS D 282 1.91 -32.20 -27.27
CA LYS D 282 1.67 -33.10 -28.41
C LYS D 282 1.50 -32.33 -29.72
N HIS D 283 0.68 -31.26 -29.73
CA HIS D 283 0.47 -30.41 -30.90
C HIS D 283 1.77 -29.75 -31.38
N ILE D 284 2.62 -29.33 -30.44
CA ILE D 284 3.93 -28.72 -30.75
C ILE D 284 4.86 -29.77 -31.37
N GLU D 285 4.99 -30.94 -30.73
CA GLU D 285 5.84 -32.06 -31.17
C GLU D 285 5.47 -32.52 -32.58
N GLU D 286 4.15 -32.78 -32.81
CA GLU D 286 3.59 -33.22 -34.10
CA GLU D 286 3.63 -33.23 -34.10
C GLU D 286 3.88 -32.22 -35.21
N PHE D 287 3.88 -30.91 -34.90
CA PHE D 287 4.14 -29.85 -35.87
C PHE D 287 5.59 -29.85 -36.36
N ILE D 288 6.56 -29.97 -35.43
CA ILE D 288 8.00 -29.97 -35.74
C ILE D 288 8.44 -31.28 -36.45
N LEU D 289 8.05 -32.43 -35.86
CA LEU D 289 8.42 -33.76 -36.32
C LEU D 289 7.61 -34.25 -37.55
N LYS D 290 6.60 -33.48 -38.00
CA LYS D 290 5.77 -33.83 -39.16
C LYS D 290 6.58 -33.90 -40.45
N SER D 291 6.61 -35.10 -41.06
CA SER D 291 7.26 -35.35 -42.34
C SER D 291 6.24 -34.98 -43.42
N ASP D 292 6.50 -33.87 -44.13
CA ASP D 292 5.63 -33.37 -45.17
C ASP D 292 5.88 -34.08 -46.51
N ILE D 293 4.81 -34.20 -47.32
CA ILE D 293 4.87 -34.82 -48.64
C ILE D 293 5.20 -33.76 -49.70
N HIS D 294 6.35 -33.95 -50.40
CA HIS D 294 6.81 -33.09 -51.49
C HIS D 294 6.15 -33.59 -52.79
N HIS D 295 5.59 -32.67 -53.59
CA HIS D 295 4.93 -32.98 -54.88
C HIS D 295 4.97 -31.83 -55.86
C2 LEO E . 17.48 -7.31 15.11
C3 LEO E . 19.95 -7.86 15.61
C4 LEO E . 19.41 -5.98 14.06
C5 LEO E . 20.32 -6.46 15.18
C6 LEO E . 17.95 -5.96 14.52
C7 LEO E . 18.55 -8.24 15.55
C8 LEO E . 20.92 -8.53 16.52
O14 LEO E . 19.48 -8.70 14.53
C17 LEO E . 17.06 -5.47 13.39
C21 LEO E . 16.67 -6.28 12.41
C22 LEO E . 16.66 -4.04 13.41
C2 LEO F . 15.61 -10.42 23.32
C3 LEO F . 14.63 -10.97 20.98
C4 LEO F . 13.20 -9.90 22.78
C5 LEO F . 13.37 -10.22 21.30
C6 LEO F . 14.51 -9.36 23.39
C7 LEO F . 15.69 -11.05 21.98
C8 LEO F . 14.94 -11.17 19.53
O14 LEO F . 14.80 -12.18 21.78
C17 LEO F . 14.30 -8.80 24.79
C21 LEO F . 14.74 -9.41 25.89
C22 LEO F . 13.59 -7.52 24.90
CL CL G . 11.31 -25.70 9.57
CL CL H . 32.16 -20.06 29.52
C1 EDO I . -5.55 -6.13 17.82
O1 EDO I . -6.11 -5.18 18.72
C2 EDO I . -4.62 -7.11 18.59
O2 EDO I . -3.64 -6.40 19.33
C2 LEO J . -1.76 4.84 23.52
C3 LEO J . -1.56 7.29 24.33
C4 LEO J . -0.91 5.36 25.83
C5 LEO J . -0.75 6.84 25.53
C6 LEO J . -0.66 4.55 24.55
C7 LEO J . -2.04 6.29 23.39
C8 LEO J . -1.38 8.72 23.94
O14 LEO J . -2.95 6.86 24.36
C17 LEO J . -0.48 3.09 24.87
C21 LEO J . -1.38 2.16 24.57
C22 LEO J . 0.77 2.72 25.56
C2 LEO K . 2.39 9.11 15.93
C3 LEO K . 0.73 7.16 16.35
C4 LEO K . 2.92 6.77 15.15
C5 LEO K . 1.74 6.15 15.88
C6 LEO K . 3.45 8.01 15.89
C7 LEO K . 1.07 8.58 16.35
C8 LEO K . -0.36 6.64 17.24
O14 LEO K . 0.26 8.03 15.29
C17 LEO K . 4.80 8.51 15.36
C21 LEO K . 5.02 9.76 14.96
C22 LEO K . 5.89 7.51 15.33
CL CL L . -16.93 1.21 12.13
CL CL M . -5.49 28.04 17.30
C2 LEO N . -18.63 6.87 -15.45
C3 LEO N . -18.63 9.24 -14.41
C4 LEO N . -18.48 7.24 -12.93
C5 LEO N . -18.03 8.67 -13.16
C6 LEO N . -18.04 6.37 -14.12
C7 LEO N . -18.93 8.33 -15.50
C8 LEO N . -18.34 10.68 -14.66
O14 LEO N . -20.00 8.82 -14.65
C17 LEO N . -18.40 4.94 -13.87
C21 LEO N . -18.93 4.20 -14.82
C22 LEO N . -18.26 4.44 -12.49
C2 LEO O . -17.29 9.20 -23.92
C3 LEO O . -18.84 7.70 -22.47
C4 LEO O . -16.87 6.72 -23.73
C5 LEO O . -17.87 6.54 -22.59
C6 LEO O . -16.21 8.11 -23.74
C7 LEO O . -18.52 8.96 -23.13
C8 LEO O . -19.80 7.63 -21.32
O14 LEO O . -19.47 8.04 -23.73
C17 LEO O . -15.06 8.20 -24.75
C21 LEO O . -14.18 7.22 -24.89
C22 LEO O . -14.91 9.43 -25.56
CL CL P . -37.04 2.15 -21.63
CL CL Q . -23.69 28.54 -24.70
C2 LEO R . -2.83 -8.35 -24.54
C3 LEO R . -0.38 -9.18 -24.70
C4 LEO R . -1.32 -7.74 -26.48
C5 LEO R . -0.09 -8.05 -25.65
C6 LEO R . -2.42 -7.25 -25.54
C7 LEO R . -1.74 -9.31 -24.18
C8 LEO R . 0.80 -9.74 -23.98
O14 LEO R . -1.28 -10.18 -25.23
C17 LEO R . -3.59 -6.74 -26.33
C21 LEO R . -3.41 -5.98 -27.41
C22 LEO R . -4.91 -7.13 -25.88
C2 LEO S . -3.04 -10.06 -15.77
C3 LEO S . -4.11 -10.76 -18.05
C4 LEO S . -4.93 -8.71 -16.83
C5 LEO S . -4.71 -9.38 -18.18
C6 LEO S . -3.63 -8.65 -15.99
C7 LEO S . -3.31 -11.05 -16.87
C8 LEO S . -3.97 -11.54 -19.33
O14 LEO S . -4.67 -11.53 -16.96
C17 LEO S . -3.83 -7.86 -14.69
C21 LEO S . -4.93 -7.14 -14.45
C22 LEO S . -2.72 -7.87 -13.71
CL CL T . 15.36 -18.74 -12.02
CL CL U . -9.90 -27.95 -24.41
#